data_8P76
#
_entry.id   8P76
#
_cell.length_a   1.00
_cell.length_b   1.00
_cell.length_c   1.00
_cell.angle_alpha   90.00
_cell.angle_beta   90.00
_cell.angle_gamma   90.00
#
_symmetry.space_group_name_H-M   'P 1'
#
loop_
_entity.id
_entity.type
_entity.pdbx_description
1 polymer 'CDK-activating kinase assembly factor MAT1'
2 polymer Cyclin-H
3 polymer 'Cyclin-dependent kinase 7'
4 non-polymer N5-[(3S,4R)-4-phenylmethoxypyrrolidin-3-yl]-N7-(phenylmethyl)-3-propan-2-yl-pyrazolo[1,5-a]pyrimidine-5,7-diamine
5 water water
#
loop_
_entity_poly.entity_id
_entity_poly.type
_entity_poly.pdbx_seq_one_letter_code
_entity_poly.pdbx_strand_id
1 'polypeptide(L)'
;SNAPVTFSTGIKMGQHISLAPIHKLEEALYEYQPLQIETYGPHVPELEMLGRLGYLNHVRAASPQDLAGGYTSSLACHRA
LQDAFSGLFWQPS
;
H
2 'polypeptide(L)'
;(ACE)MYHNSSQKRHWTFSSEEQLARLRADANRKFRCKAVANGKVLPNDPVFLEPHEEMTLCKYYEKRLLEFCSVFKPAM
PRSVVGTACMYFKRFYLNNSVMEYHPRIIMLTCAFLACKVDEFNVSSPQFVGNLRESPLGQEKALEQILEYELLLIQQLN
FHLIVHNPYRPFEGFLIDLKTRYPILENPEILRKTADDFLNRIALTDAYLLYTPSQIALTAILSSASRAGITMESYLSES
LMLKENRTCLSQLLDIMKSMRNLVKKYEPPRSEEVAVLKQKLERCHSAELALNVITKKRKGYEDDDYVSKKSKHEEEEWT
DDDLVESL
;
I
3 'polypeptide(L)'
;SNAMALDVKSRAKRYEKLDFLGEGQFATVYKARDKNTNQIVAIKKIKLGHRSEAKDGINRTALREIKLLQELSHPNIIGL
LDAFGHKSNISLVFDFMETDLEVIIKDNSLVLTPSHIKAYMLMTLQGLEYLHQHWILHRDLKPNNLLLDENGVLKLADFG
LAKSFGSPNRAYTHQVVTRWYRAPELLFGARMYGVGVDMWAVGCILAELLLRVPFLPGDSDLDQLTRIFETLGTPTEEQW
PDMCSLPDYVTFKSFPGIPLHHIFSAAGDDLLDLIQGLFLFNPCARITATQALKMKYFSNRPGPTPGCQLPRPNCPVETL
KEQSNPALAIKRKRTEALEQGGLPKKLIF
;
J
#
loop_
_chem_comp.id
_chem_comp.type
_chem_comp.name
_chem_comp.formula
ACE non-polymer 'ACETYL GROUP' 'C2 H4 O'
X1W non-polymer N5-[(3S,4R)-4-phenylmethoxypyrrolidin-3-yl]-N7-(phenylmethyl)-3-propan-2-yl-pyrazolo[1,5-a]pyrimidine-5,7-diamine 'C27 H32 N6 O'
#
# COMPACT_ATOMS: atom_id res chain seq x y z
N ALA A 28 4.96 -21.12 26.17
CA ALA A 28 4.39 -20.37 27.29
C ALA A 28 4.86 -18.91 27.24
N LEU A 29 5.96 -18.63 27.94
CA LEU A 29 6.49 -17.27 27.99
C LEU A 29 6.88 -16.78 26.59
N TYR A 30 6.48 -15.56 26.28
CA TYR A 30 6.74 -14.97 24.97
C TYR A 30 8.10 -14.27 24.96
N GLU A 31 8.78 -14.37 23.82
CA GLU A 31 10.02 -13.65 23.59
C GLU A 31 9.97 -13.03 22.20
N TYR A 32 10.30 -11.75 22.10
CA TYR A 32 10.23 -11.06 20.83
C TYR A 32 11.31 -11.58 19.88
N GLN A 33 10.97 -11.64 18.59
CA GLN A 33 11.90 -12.01 17.55
C GLN A 33 11.57 -11.14 16.34
N PRO A 34 12.55 -10.45 15.77
CA PRO A 34 12.26 -9.56 14.64
C PRO A 34 11.70 -10.34 13.45
N LEU A 35 10.84 -9.68 12.69
CA LEU A 35 10.22 -10.30 11.53
C LEU A 35 11.28 -10.65 10.49
N GLN A 36 11.43 -11.95 10.22
CA GLN A 36 12.38 -12.44 9.22
C GLN A 36 11.70 -12.37 7.85
N ILE A 37 11.89 -11.25 7.16
CA ILE A 37 11.36 -11.05 5.83
C ILE A 37 12.54 -10.74 4.90
N GLU A 38 12.65 -11.49 3.81
CA GLU A 38 13.77 -11.36 2.89
C GLU A 38 13.46 -10.25 1.90
N THR A 39 14.37 -9.28 1.80
CA THR A 39 14.19 -8.15 0.91
C THR A 39 14.95 -8.29 -0.40
N TYR A 40 15.81 -9.31 -0.53
CA TYR A 40 16.58 -9.56 -1.75
C TYR A 40 17.34 -8.32 -2.20
N GLY A 41 17.93 -7.62 -1.24
CA GLY A 41 18.68 -6.42 -1.53
C GLY A 41 19.59 -6.01 -0.40
N PRO A 42 20.29 -4.89 -0.57
CA PRO A 42 21.22 -4.43 0.46
C PRO A 42 20.51 -4.10 1.76
N HIS A 43 21.23 -4.28 2.87
CA HIS A 43 20.67 -4.02 4.18
C HIS A 43 20.36 -2.54 4.36
N VAL A 44 19.22 -2.26 4.96
CA VAL A 44 18.76 -0.89 5.20
C VAL A 44 19.14 -0.50 6.63
N PRO A 45 19.81 0.63 6.82
CA PRO A 45 20.12 1.07 8.19
C PRO A 45 18.85 1.33 8.99
N GLU A 46 18.94 1.11 10.30
CA GLU A 46 17.78 1.25 11.16
C GLU A 46 17.29 2.69 11.17
N LEU A 47 15.98 2.84 11.43
CA LEU A 47 15.36 4.17 11.39
C LEU A 47 16.03 5.12 12.38
N GLU A 48 16.10 4.71 13.65
CA GLU A 48 16.68 5.57 14.67
C GLU A 48 18.15 5.88 14.40
N MET A 49 18.79 5.10 13.54
CA MET A 49 20.19 5.28 13.20
C MET A 49 20.40 6.35 12.13
N LEU A 50 19.36 6.62 11.31
CA LEU A 50 19.55 7.40 10.10
C LEU A 50 20.16 8.76 10.41
N GLY A 51 19.65 9.44 11.45
CA GLY A 51 20.12 10.77 11.75
C GLY A 51 21.63 10.83 11.99
N ARG A 52 22.18 9.81 12.65
CA ARG A 52 23.60 9.88 12.96
C ARG A 52 24.47 9.31 11.84
N LEU A 53 23.88 8.87 10.74
CA LEU A 53 24.66 8.49 9.56
C LEU A 53 24.64 9.54 8.47
N GLY A 54 23.94 10.65 8.67
CA GLY A 54 23.89 11.71 7.69
C GLY A 54 22.82 11.60 6.63
N TYR A 55 21.96 10.58 6.71
CA TYR A 55 20.89 10.44 5.73
C TYR A 55 19.93 11.63 5.79
N LEU A 56 19.52 12.03 7.00
CA LEU A 56 18.50 13.06 7.16
C LEU A 56 18.96 14.41 6.63
N ASN A 57 20.26 14.60 6.41
CA ASN A 57 20.75 15.84 5.81
C ASN A 57 20.35 15.96 4.35
N HIS A 58 19.80 14.91 3.74
CA HIS A 58 19.42 14.95 2.33
C HIS A 58 17.92 14.73 2.12
N VAL A 59 17.12 14.81 3.18
CA VAL A 59 15.67 14.74 3.07
C VAL A 59 15.09 16.01 3.65
N ARG A 60 13.88 16.34 3.21
CA ARG A 60 13.19 17.53 3.67
C ARG A 60 12.83 17.41 5.15
N ALA A 61 13.08 18.46 5.91
CA ALA A 61 12.80 18.44 7.34
C ALA A 61 11.30 18.50 7.60
N ALA A 62 10.85 17.76 8.61
CA ALA A 62 9.44 17.77 8.98
C ALA A 62 9.07 19.09 9.60
N SER A 63 7.92 19.63 9.18
CA SER A 63 7.44 20.89 9.74
C SER A 63 7.00 20.70 11.18
N PRO A 64 6.90 21.78 11.96
CA PRO A 64 6.37 21.64 13.33
C PRO A 64 4.98 21.03 13.35
N GLN A 65 4.15 21.32 12.36
CA GLN A 65 2.84 20.67 12.26
C GLN A 65 2.99 19.16 12.07
N ASP A 66 3.87 18.76 11.14
CA ASP A 66 4.11 17.35 10.89
C ASP A 66 4.64 16.66 12.15
N LEU A 67 5.62 17.27 12.81
CA LEU A 67 6.19 16.68 14.01
C LEU A 67 5.16 16.58 15.12
N ALA A 68 4.29 17.59 15.24
CA ALA A 68 3.19 17.51 16.19
C ALA A 68 2.28 16.34 15.88
N GLY A 69 2.00 16.11 14.59
CA GLY A 69 1.21 14.96 14.21
C GLY A 69 1.92 13.64 14.33
N GLY A 70 3.23 13.64 14.55
CA GLY A 70 4.01 12.43 14.65
C GLY A 70 4.74 12.01 13.41
N TYR A 71 4.86 12.89 12.42
CA TYR A 71 5.56 12.59 11.18
C TYR A 71 6.94 13.24 11.20
N THR A 72 7.98 12.44 11.00
CA THR A 72 9.35 12.92 10.95
C THR A 72 9.96 12.59 9.60
N SER A 73 10.99 13.34 9.24
CA SER A 73 11.71 13.08 7.98
C SER A 73 12.34 11.70 7.97
N SER A 74 12.62 11.13 9.14
CA SER A 74 13.20 9.79 9.21
C SER A 74 12.29 8.75 8.59
N LEU A 75 10.97 8.92 8.73
CA LEU A 75 10.04 7.97 8.14
C LEU A 75 10.13 7.97 6.62
N ALA A 76 10.09 9.15 6.01
CA ALA A 76 10.21 9.25 4.56
C ALA A 76 11.55 8.72 4.08
N CYS A 77 12.63 9.06 4.78
CA CYS A 77 13.95 8.58 4.39
C CYS A 77 14.03 7.06 4.46
N HIS A 78 13.50 6.48 5.55
CA HIS A 78 13.53 5.03 5.72
C HIS A 78 12.72 4.34 4.63
N ARG A 79 11.54 4.87 4.32
CA ARG A 79 10.72 4.27 3.27
C ARG A 79 11.43 4.33 1.92
N ALA A 80 12.04 5.49 1.60
CA ALA A 80 12.74 5.63 0.34
C ALA A 80 13.91 4.66 0.24
N LEU A 81 14.69 4.53 1.32
CA LEU A 81 15.82 3.60 1.30
C LEU A 81 15.35 2.16 1.17
N GLN A 82 14.29 1.79 1.89
CA GLN A 82 13.78 0.42 1.80
C GLN A 82 13.30 0.11 0.38
N ASP A 83 12.61 1.05 -0.25
CA ASP A 83 12.17 0.82 -1.63
C ASP A 83 13.33 0.82 -2.60
N ALA A 84 14.39 1.59 -2.33
CA ALA A 84 15.57 1.54 -3.19
C ALA A 84 16.26 0.19 -3.09
N PHE A 85 16.27 -0.43 -1.92
CA PHE A 85 17.00 -1.67 -1.73
C PHE A 85 16.15 -2.92 -1.89
N SER A 86 14.83 -2.79 -1.96
CA SER A 86 13.95 -3.96 -2.04
C SER A 86 14.14 -4.68 -3.36
N GLY A 87 14.45 -5.97 -3.30
CA GLY A 87 14.50 -6.82 -4.48
C GLY A 87 15.56 -6.44 -5.49
N LEU A 88 16.59 -5.71 -5.09
CA LEU A 88 17.63 -5.31 -6.04
C LEU A 88 18.41 -6.53 -6.55
N PHE A 89 18.55 -7.56 -5.72
CA PHE A 89 19.28 -8.76 -6.10
C PHE A 89 18.38 -9.89 -6.55
N TRP A 90 17.09 -9.62 -6.73
CA TRP A 90 16.13 -10.66 -7.08
C TRP A 90 16.17 -10.94 -8.58
N GLN A 91 16.01 -12.21 -8.93
CA GLN A 91 15.91 -12.66 -10.31
C GLN A 91 14.62 -13.44 -10.49
N PRO A 92 13.79 -13.12 -11.50
CA PRO A 92 12.52 -13.80 -11.74
C PRO A 92 12.69 -15.29 -12.03
C ACE B 1 4.51 -2.87 0.33
O ACE B 1 4.89 -1.77 -0.06
CH3 ACE B 1 3.13 -3.12 0.85
N MET B 2 5.31 -3.94 0.33
CA MET B 2 6.69 -3.88 -0.13
C MET B 2 6.88 -4.78 -1.35
N TYR B 3 7.83 -4.41 -2.22
CA TYR B 3 8.02 -5.15 -3.47
C TYR B 3 8.45 -6.59 -3.22
N HIS B 4 9.34 -6.82 -2.24
CA HIS B 4 9.96 -8.13 -2.10
C HIS B 4 8.99 -9.22 -1.68
N ASN B 5 7.78 -8.88 -1.27
CA ASN B 5 6.72 -9.87 -1.07
C ASN B 5 5.42 -9.42 -1.74
N SER B 6 5.54 -8.68 -2.84
CA SER B 6 4.39 -8.12 -3.52
C SER B 6 3.83 -9.09 -4.55
N SER B 7 2.62 -8.77 -5.03
CA SER B 7 2.04 -9.52 -6.13
C SER B 7 2.73 -9.20 -7.45
N GLN B 8 3.28 -7.99 -7.59
CA GLN B 8 4.01 -7.65 -8.79
C GLN B 8 5.21 -8.56 -9.00
N LYS B 9 5.96 -8.83 -7.94
CA LYS B 9 7.11 -9.73 -8.03
C LYS B 9 6.67 -11.18 -8.16
N ARG B 10 5.64 -11.56 -7.41
CA ARG B 10 5.23 -12.96 -7.39
C ARG B 10 4.55 -13.39 -8.68
N HIS B 11 3.85 -12.48 -9.37
CA HIS B 11 3.01 -12.86 -10.50
C HIS B 11 3.24 -12.06 -11.77
N TRP B 12 3.79 -10.84 -11.69
CA TRP B 12 3.86 -9.98 -12.87
C TRP B 12 5.28 -9.57 -13.22
N THR B 13 6.28 -10.26 -12.68
CA THR B 13 7.66 -10.15 -13.13
C THR B 13 8.01 -11.45 -13.83
N PHE B 14 8.38 -11.37 -15.10
CA PHE B 14 8.50 -12.53 -15.96
C PHE B 14 9.97 -12.79 -16.32
N SER B 15 10.27 -14.06 -16.60
CA SER B 15 11.66 -14.48 -16.77
C SER B 15 12.30 -13.84 -17.99
N SER B 16 11.58 -13.76 -19.11
CA SER B 16 12.21 -13.36 -20.36
C SER B 16 11.18 -12.72 -21.29
N GLU B 17 11.71 -12.00 -22.29
CA GLU B 17 10.86 -11.45 -23.33
C GLU B 17 10.14 -12.54 -24.10
N GLU B 18 10.74 -13.72 -24.21
CA GLU B 18 10.10 -14.83 -24.91
C GLU B 18 8.82 -15.27 -24.21
N GLN B 19 8.82 -15.27 -22.87
CA GLN B 19 7.61 -15.61 -22.14
C GLN B 19 6.50 -14.59 -22.41
N LEU B 20 6.84 -13.31 -22.45
CA LEU B 20 5.86 -12.28 -22.78
C LEU B 20 5.32 -12.47 -24.19
N ALA B 21 6.21 -12.76 -25.15
CA ALA B 21 5.78 -13.00 -26.51
C ALA B 21 4.85 -14.20 -26.59
N ARG B 22 5.15 -15.25 -25.81
CA ARG B 22 4.27 -16.41 -25.77
C ARG B 22 2.90 -16.04 -25.23
N LEU B 23 2.85 -15.23 -24.17
CA LEU B 23 1.56 -14.82 -23.61
C LEU B 23 0.75 -14.03 -24.63
N ARG B 24 1.40 -13.08 -25.32
CA ARG B 24 0.70 -12.25 -26.30
C ARG B 24 0.23 -13.08 -27.49
N ALA B 25 1.07 -14.01 -27.95
CA ALA B 25 0.67 -14.88 -29.05
C ALA B 25 -0.50 -15.77 -28.64
N ASP B 26 -0.49 -16.25 -27.39
CA ASP B 26 -1.60 -17.02 -26.87
C ASP B 26 -2.88 -16.20 -26.90
N ALA B 27 -2.81 -14.94 -26.47
CA ALA B 27 -4.01 -14.09 -26.48
C ALA B 27 -4.52 -13.89 -27.90
N ASN B 28 -3.62 -13.59 -28.84
CA ASN B 28 -4.01 -13.39 -30.23
C ASN B 28 -4.66 -14.66 -30.80
N ARG B 29 -4.05 -15.82 -30.53
CA ARG B 29 -4.59 -17.08 -31.05
C ARG B 29 -5.95 -17.38 -30.46
N LYS B 30 -6.13 -17.16 -29.15
CA LYS B 30 -7.45 -17.40 -28.57
C LYS B 30 -8.50 -16.50 -29.20
N PHE B 31 -8.18 -15.21 -29.39
CA PHE B 31 -9.19 -14.35 -30.00
C PHE B 31 -9.50 -14.82 -31.42
N ARG B 32 -8.48 -15.24 -32.17
CA ARG B 32 -8.74 -15.73 -33.52
C ARG B 32 -9.65 -16.95 -33.52
N CYS B 33 -9.39 -17.90 -32.61
CA CYS B 33 -10.21 -19.11 -32.57
C CYS B 33 -11.64 -18.80 -32.15
N LYS B 34 -11.84 -17.97 -31.14
CA LYS B 34 -13.21 -17.60 -30.78
C LYS B 34 -13.89 -16.79 -31.88
N ALA B 35 -13.15 -16.01 -32.66
CA ALA B 35 -13.77 -15.22 -33.71
C ALA B 35 -14.18 -16.11 -34.90
N VAL B 36 -13.36 -17.11 -35.24
CA VAL B 36 -13.75 -18.03 -36.30
C VAL B 36 -14.73 -19.09 -35.84
N ALA B 37 -14.93 -19.23 -34.53
CA ALA B 37 -15.96 -20.11 -33.99
C ALA B 37 -17.23 -19.37 -33.62
N ASN B 38 -17.32 -18.07 -33.92
CA ASN B 38 -18.50 -17.27 -33.65
C ASN B 38 -19.10 -16.70 -34.94
N GLY B 39 -18.77 -17.28 -36.09
CA GLY B 39 -19.26 -16.78 -37.35
C GLY B 39 -18.78 -17.57 -38.55
N ASP B 45 -9.04 -14.73 -42.57
CA ASP B 45 -9.42 -13.35 -42.91
C ASP B 45 -8.26 -12.40 -42.62
N PRO B 46 -7.85 -11.63 -43.62
CA PRO B 46 -6.73 -10.69 -43.42
C PRO B 46 -7.01 -9.60 -42.41
N VAL B 47 -8.27 -9.40 -42.00
CA VAL B 47 -8.57 -8.38 -41.00
C VAL B 47 -7.95 -8.74 -39.65
N PHE B 48 -7.70 -10.03 -39.40
CA PHE B 48 -7.07 -10.45 -38.15
C PHE B 48 -5.72 -9.77 -37.96
N LEU B 49 -5.47 -9.30 -36.74
CA LEU B 49 -4.23 -8.62 -36.41
C LEU B 49 -3.17 -9.63 -36.00
N GLU B 50 -1.95 -9.45 -36.50
CA GLU B 50 -0.82 -10.25 -36.08
C GLU B 50 -0.32 -9.75 -34.73
N PRO B 51 0.36 -10.61 -33.95
CA PRO B 51 0.85 -10.17 -32.64
C PRO B 51 1.76 -8.95 -32.67
N HIS B 52 2.61 -8.83 -33.70
CA HIS B 52 3.47 -7.66 -33.79
C HIS B 52 2.67 -6.39 -34.10
N GLU B 53 1.61 -6.51 -34.89
CA GLU B 53 0.72 -5.38 -35.10
C GLU B 53 0.01 -5.00 -33.81
N GLU B 54 -0.40 -5.99 -33.02
CA GLU B 54 -0.96 -5.72 -31.70
C GLU B 54 0.05 -4.99 -30.83
N MET B 55 1.33 -5.37 -30.91
CA MET B 55 2.36 -4.68 -30.16
C MET B 55 2.51 -3.23 -30.60
N THR B 56 2.50 -2.98 -31.90
CA THR B 56 2.59 -1.60 -32.38
C THR B 56 1.41 -0.77 -31.88
N LEU B 57 0.20 -1.33 -31.94
CA LEU B 57 -0.97 -0.62 -31.42
C LEU B 57 -0.87 -0.38 -29.91
N CYS B 58 -0.41 -1.39 -29.16
CA CYS B 58 -0.30 -1.23 -27.71
C CYS B 58 0.71 -0.15 -27.36
N LYS B 59 1.82 -0.09 -28.10
CA LYS B 59 2.80 0.96 -27.85
C LYS B 59 2.22 2.33 -28.18
N TYR B 60 1.54 2.45 -29.32
CA TYR B 60 0.95 3.74 -29.68
C TYR B 60 -0.05 4.19 -28.63
N TYR B 61 -0.87 3.28 -28.14
CA TYR B 61 -1.88 3.67 -27.15
C TYR B 61 -1.30 3.84 -25.76
N GLU B 62 -0.15 3.24 -25.45
CA GLU B 62 0.54 3.59 -24.21
C GLU B 62 1.08 5.01 -24.27
N LYS B 63 1.61 5.41 -25.44
CA LYS B 63 1.98 6.83 -25.59
C LYS B 63 0.76 7.74 -25.51
N ARG B 64 -0.37 7.30 -26.06
CA ARG B 64 -1.60 8.08 -25.91
C ARG B 64 -2.02 8.19 -24.45
N LEU B 65 -1.86 7.11 -23.68
CA LEU B 65 -2.16 7.15 -22.25
C LEU B 65 -1.24 8.12 -21.52
N LEU B 66 0.05 8.12 -21.89
CA LEU B 66 0.98 9.09 -21.30
C LEU B 66 0.55 10.52 -21.61
N GLU B 67 0.16 10.78 -22.86
CA GLU B 67 -0.30 12.11 -23.23
C GLU B 67 -1.55 12.50 -22.46
N PHE B 68 -2.48 11.56 -22.27
CA PHE B 68 -3.68 11.81 -21.49
C PHE B 68 -3.33 12.16 -20.04
N CYS B 69 -2.40 11.42 -19.44
CA CYS B 69 -2.06 11.63 -18.04
C CYS B 69 -1.25 12.91 -17.85
N SER B 70 -0.50 13.34 -18.87
CA SER B 70 0.34 14.52 -18.72
C SER B 70 -0.47 15.82 -18.68
N VAL B 71 -1.57 15.88 -19.43
CA VAL B 71 -2.42 17.07 -19.47
C VAL B 71 -3.59 16.98 -18.50
N PHE B 72 -3.64 15.94 -17.68
CA PHE B 72 -4.77 15.73 -16.77
C PHE B 72 -4.84 16.84 -15.73
N LYS B 73 -6.05 17.33 -15.47
CA LYS B 73 -6.32 18.34 -14.46
C LYS B 73 -7.30 17.79 -13.43
N PRO B 74 -6.98 17.83 -12.14
CA PRO B 74 -5.78 18.40 -11.50
C PRO B 74 -4.54 17.57 -11.78
N ALA B 75 -3.37 18.03 -11.33
CA ALA B 75 -2.11 17.37 -11.68
C ALA B 75 -2.11 15.92 -11.26
N MET B 76 -1.72 15.04 -12.19
CA MET B 76 -1.69 13.61 -11.95
C MET B 76 -0.37 13.24 -11.29
N PRO B 77 -0.37 12.63 -10.11
CA PRO B 77 0.89 12.15 -9.53
C PRO B 77 1.54 11.11 -10.43
N ARG B 78 2.88 11.14 -10.48
CA ARG B 78 3.62 10.23 -11.35
C ARG B 78 3.35 8.77 -11.00
N SER B 79 3.07 8.48 -9.73
CA SER B 79 2.75 7.12 -9.34
C SER B 79 1.46 6.65 -10.02
N VAL B 80 0.48 7.54 -10.15
CA VAL B 80 -0.77 7.19 -10.84
C VAL B 80 -0.49 6.85 -12.29
N VAL B 81 0.33 7.67 -12.96
CA VAL B 81 0.64 7.41 -14.38
C VAL B 81 1.37 6.09 -14.53
N GLY B 82 2.34 5.82 -13.66
CA GLY B 82 3.04 4.54 -13.72
C GLY B 82 2.11 3.37 -13.49
N THR B 83 1.21 3.49 -12.52
CA THR B 83 0.25 2.43 -12.24
C THR B 83 -0.66 2.19 -13.45
N ALA B 84 -1.12 3.28 -14.09
CA ALA B 84 -2.00 3.13 -15.25
C ALA B 84 -1.27 2.46 -16.41
N CYS B 85 -0.03 2.86 -16.68
CA CYS B 85 0.73 2.24 -17.76
C CYS B 85 1.01 0.77 -17.46
N MET B 86 1.33 0.46 -16.21
CA MET B 86 1.53 -0.94 -15.82
C MET B 86 0.24 -1.74 -16.00
N TYR B 87 -0.90 -1.15 -15.66
CA TYR B 87 -2.19 -1.79 -15.89
C TYR B 87 -2.38 -2.09 -17.37
N PHE B 88 -2.07 -1.12 -18.22
CA PHE B 88 -2.21 -1.31 -19.67
C PHE B 88 -1.36 -2.48 -20.14
N LYS B 89 -0.09 -2.50 -19.75
CA LYS B 89 0.82 -3.57 -20.16
C LYS B 89 0.33 -4.92 -19.67
N ARG B 90 -0.07 -5.01 -18.40
CA ARG B 90 -0.54 -6.27 -17.85
C ARG B 90 -1.80 -6.75 -18.55
N PHE B 91 -2.74 -5.83 -18.80
CA PHE B 91 -3.99 -6.21 -19.45
C PHE B 91 -3.74 -6.77 -20.84
N TYR B 92 -2.86 -6.13 -21.60
CA TYR B 92 -2.63 -6.60 -22.97
C TYR B 92 -1.53 -7.65 -23.06
N LEU B 93 -0.99 -8.09 -21.91
CA LEU B 93 -0.25 -9.35 -21.91
C LEU B 93 -1.16 -10.52 -22.26
N ASN B 94 -2.37 -10.54 -21.71
CA ASN B 94 -3.27 -11.69 -21.83
C ASN B 94 -4.54 -11.36 -22.62
N ASN B 95 -4.62 -10.19 -23.24
CA ASN B 95 -5.82 -9.81 -23.97
C ASN B 95 -5.44 -9.17 -25.30
N SER B 96 -6.29 -9.39 -26.29
CA SER B 96 -6.09 -8.82 -27.62
C SER B 96 -6.81 -7.48 -27.74
N VAL B 97 -6.14 -6.52 -28.38
CA VAL B 97 -6.78 -5.25 -28.69
C VAL B 97 -7.95 -5.44 -29.63
N MET B 98 -8.01 -6.57 -30.32
CA MET B 98 -9.11 -6.88 -31.22
C MET B 98 -10.39 -7.22 -30.48
N GLU B 99 -10.30 -7.63 -29.22
CA GLU B 99 -11.47 -7.87 -28.39
C GLU B 99 -11.88 -6.63 -27.60
N TYR B 100 -10.93 -6.01 -26.91
CA TYR B 100 -11.18 -4.82 -26.11
C TYR B 100 -10.35 -3.69 -26.69
N HIS B 101 -11.01 -2.60 -27.06
CA HIS B 101 -10.32 -1.51 -27.74
C HIS B 101 -9.34 -0.84 -26.78
N PRO B 102 -8.09 -0.60 -27.22
CA PRO B 102 -7.10 0.01 -26.31
C PRO B 102 -7.44 1.41 -25.83
N ARG B 103 -8.28 2.16 -26.56
CA ARG B 103 -8.67 3.48 -26.08
C ARG B 103 -9.44 3.39 -24.76
N ILE B 104 -10.50 2.57 -24.76
CA ILE B 104 -11.32 2.41 -23.57
C ILE B 104 -10.51 1.76 -22.46
N ILE B 105 -9.66 0.80 -22.82
CA ILE B 105 -8.85 0.11 -21.82
C ILE B 105 -7.87 1.06 -21.17
N MET B 106 -7.24 1.95 -21.95
CA MET B 106 -6.30 2.89 -21.37
C MET B 106 -7.01 3.91 -20.48
N LEU B 107 -8.21 4.36 -20.90
CA LEU B 107 -8.97 5.26 -20.03
C LEU B 107 -9.38 4.58 -18.74
N THR B 108 -9.80 3.31 -18.83
CA THR B 108 -10.15 2.54 -17.65
C THR B 108 -8.94 2.31 -16.76
N CYS B 109 -7.77 2.12 -17.37
CA CYS B 109 -6.54 1.97 -16.60
C CYS B 109 -6.25 3.23 -15.80
N ALA B 110 -6.39 4.40 -16.44
CA ALA B 110 -6.21 5.65 -15.72
C ALA B 110 -7.23 5.81 -14.59
N PHE B 111 -8.49 5.45 -14.86
CA PHE B 111 -9.54 5.54 -13.85
C PHE B 111 -9.23 4.67 -12.64
N LEU B 112 -8.90 3.40 -12.88
CA LEU B 112 -8.60 2.48 -11.80
C LEU B 112 -7.32 2.87 -11.07
N ALA B 113 -6.35 3.42 -11.80
CA ALA B 113 -5.11 3.89 -11.17
C ALA B 113 -5.39 5.06 -10.23
N CYS B 114 -6.24 5.99 -10.67
CA CYS B 114 -6.65 7.10 -9.79
C CYS B 114 -7.31 6.57 -8.53
N LYS B 115 -8.21 5.58 -8.67
CA LYS B 115 -8.86 5.03 -7.48
C LYS B 115 -7.86 4.31 -6.58
N VAL B 116 -6.97 3.51 -7.16
CA VAL B 116 -6.08 2.66 -6.37
C VAL B 116 -5.02 3.49 -5.66
N ASP B 117 -4.45 4.47 -6.34
CA ASP B 117 -3.38 5.29 -5.78
C ASP B 117 -3.90 6.31 -4.76
N GLU B 118 -5.23 6.41 -4.61
CA GLU B 118 -5.88 7.34 -3.69
C GLU B 118 -5.73 8.79 -4.17
N PHE B 119 -5.74 8.96 -5.49
CA PHE B 119 -5.80 10.29 -6.10
C PHE B 119 -7.27 10.60 -6.33
N ASN B 120 -7.89 11.28 -5.37
CA ASN B 120 -9.34 11.46 -5.36
C ASN B 120 -9.75 12.38 -6.50
N VAL B 121 -10.51 11.82 -7.45
CA VAL B 121 -11.04 12.57 -8.59
C VAL B 121 -12.41 12.01 -8.91
N SER B 122 -13.41 12.90 -9.00
CA SER B 122 -14.76 12.46 -9.33
C SER B 122 -14.85 12.10 -10.81
N SER B 123 -15.85 11.26 -11.13
CA SER B 123 -16.06 10.86 -12.52
C SER B 123 -16.25 12.04 -13.46
N PRO B 124 -17.09 13.05 -13.16
CA PRO B 124 -17.23 14.17 -14.11
C PRO B 124 -15.93 14.91 -14.38
N GLN B 125 -15.12 15.18 -13.36
CA GLN B 125 -13.87 15.87 -13.62
C GLN B 125 -12.81 14.97 -14.25
N PHE B 126 -12.91 13.66 -14.08
CA PHE B 126 -12.06 12.75 -14.84
C PHE B 126 -12.41 12.81 -16.32
N VAL B 127 -13.69 12.68 -16.65
CA VAL B 127 -14.08 12.65 -18.06
C VAL B 127 -13.98 14.03 -18.70
N GLY B 128 -13.99 15.10 -17.90
CA GLY B 128 -13.83 16.43 -18.45
C GLY B 128 -12.47 16.69 -19.07
N ASN B 129 -11.49 15.83 -18.81
CA ASN B 129 -10.17 15.98 -19.43
C ASN B 129 -10.15 15.50 -20.88
N LEU B 130 -11.12 14.68 -21.28
CA LEU B 130 -11.20 14.24 -22.66
C LEU B 130 -11.58 15.40 -23.58
N ARG B 131 -10.93 15.48 -24.73
CA ARG B 131 -11.18 16.55 -25.69
C ARG B 131 -12.31 16.17 -26.64
N GLU B 132 -13.46 15.86 -26.04
CA GLU B 132 -14.67 15.48 -26.77
C GLU B 132 -15.85 16.25 -26.22
N SER B 133 -17.00 16.09 -26.88
CA SER B 133 -18.23 16.74 -26.46
C SER B 133 -18.76 16.09 -25.18
N PRO B 134 -19.64 16.79 -24.45
CA PRO B 134 -20.22 16.19 -23.24
C PRO B 134 -20.93 14.87 -23.50
N LEU B 135 -21.57 14.71 -24.66
CA LEU B 135 -22.15 13.42 -25.00
C LEU B 135 -21.06 12.37 -25.16
N GLY B 136 -19.98 12.71 -25.86
CA GLY B 136 -18.86 11.78 -25.98
C GLY B 136 -18.24 11.46 -24.64
N GLN B 137 -18.16 12.46 -23.76
CA GLN B 137 -17.62 12.23 -22.42
C GLN B 137 -18.51 11.29 -21.63
N GLU B 138 -19.84 11.44 -21.75
CA GLU B 138 -20.76 10.53 -21.07
C GLU B 138 -20.61 9.12 -21.61
N LYS B 139 -20.51 8.97 -22.94
CA LYS B 139 -20.33 7.65 -23.54
C LYS B 139 -19.03 7.01 -23.06
N ALA B 140 -17.95 7.78 -23.04
CA ALA B 140 -16.67 7.26 -22.57
C ALA B 140 -16.73 6.86 -21.11
N LEU B 141 -17.42 7.66 -20.29
CA LEU B 141 -17.59 7.30 -18.89
C LEU B 141 -18.35 6.00 -18.73
N GLU B 142 -19.41 5.82 -19.52
CA GLU B 142 -20.16 4.57 -19.46
C GLU B 142 -19.31 3.38 -19.87
N GLN B 143 -18.51 3.55 -20.93
CA GLN B 143 -17.61 2.48 -21.35
C GLN B 143 -16.58 2.15 -20.28
N ILE B 144 -16.03 3.18 -19.63
CA ILE B 144 -15.06 2.96 -18.57
C ILE B 144 -15.69 2.22 -17.40
N LEU B 145 -16.91 2.61 -17.02
CA LEU B 145 -17.59 1.94 -15.93
C LEU B 145 -17.90 0.49 -16.28
N GLU B 146 -18.21 0.22 -17.54
CA GLU B 146 -18.47 -1.16 -17.95
C GLU B 146 -17.19 -2.00 -17.97
N TYR B 147 -16.06 -1.39 -18.31
CA TYR B 147 -14.81 -2.14 -18.42
C TYR B 147 -13.99 -2.15 -17.13
N GLU B 148 -14.39 -1.42 -16.09
CA GLU B 148 -13.58 -1.36 -14.87
C GLU B 148 -13.43 -2.73 -14.22
N LEU B 149 -14.53 -3.45 -14.05
CA LEU B 149 -14.46 -4.76 -13.42
C LEU B 149 -13.73 -5.76 -14.31
N LEU B 150 -13.89 -5.64 -15.62
CA LEU B 150 -13.15 -6.48 -16.54
C LEU B 150 -11.64 -6.26 -16.38
N LEU B 151 -11.22 -5.00 -16.30
CA LEU B 151 -9.81 -4.69 -16.10
C LEU B 151 -9.31 -5.25 -14.78
N ILE B 152 -10.12 -5.11 -13.72
CA ILE B 152 -9.71 -5.63 -12.42
C ILE B 152 -9.55 -7.14 -12.47
N GLN B 153 -10.49 -7.83 -13.13
CA GLN B 153 -10.40 -9.28 -13.25
C GLN B 153 -9.17 -9.70 -14.05
N GLN B 154 -8.89 -9.00 -15.15
CA GLN B 154 -7.74 -9.35 -15.98
C GLN B 154 -6.43 -9.05 -15.27
N LEU B 155 -6.39 -8.01 -14.44
CA LEU B 155 -5.25 -7.78 -13.57
C LEU B 155 -5.15 -8.78 -12.43
N ASN B 156 -6.05 -9.76 -12.38
CA ASN B 156 -6.05 -10.80 -11.35
C ASN B 156 -6.19 -10.21 -9.95
N PHE B 157 -6.89 -9.07 -9.84
CA PHE B 157 -7.08 -8.38 -8.58
C PHE B 157 -5.75 -8.02 -7.93
N HIS B 158 -4.74 -7.74 -8.74
CA HIS B 158 -3.43 -7.29 -8.29
C HIS B 158 -3.31 -5.83 -8.67
N LEU B 159 -3.64 -4.94 -7.73
CA LEU B 159 -3.80 -3.52 -8.04
C LEU B 159 -2.60 -2.67 -7.63
N ILE B 160 -1.89 -3.04 -6.57
CA ILE B 160 -0.75 -2.24 -6.13
C ILE B 160 0.40 -2.44 -7.09
N VAL B 161 0.91 -1.34 -7.65
CA VAL B 161 2.00 -1.36 -8.62
C VAL B 161 3.19 -0.64 -8.00
N HIS B 162 4.32 -1.31 -7.96
CA HIS B 162 5.55 -0.72 -7.43
C HIS B 162 6.31 -0.09 -8.58
N ASN B 163 6.48 1.23 -8.51
CA ASN B 163 7.13 2.03 -9.52
C ASN B 163 8.56 2.35 -9.11
N PRO B 164 9.45 2.63 -10.06
CA PRO B 164 10.85 2.89 -9.72
C PRO B 164 11.14 4.31 -9.23
N TYR B 165 10.13 5.17 -9.08
CA TYR B 165 10.38 6.55 -8.70
C TYR B 165 10.85 6.66 -7.24
N ARG B 166 10.18 5.98 -6.33
CA ARG B 166 10.61 6.04 -4.94
C ARG B 166 11.91 5.29 -4.71
N PRO B 167 12.13 4.13 -5.36
CA PRO B 167 13.49 3.55 -5.34
C PRO B 167 14.54 4.50 -5.88
N PHE B 168 14.20 5.27 -6.91
CA PHE B 168 15.11 6.29 -7.43
C PHE B 168 15.45 7.32 -6.37
N GLU B 169 14.42 7.78 -5.64
CA GLU B 169 14.65 8.73 -4.56
C GLU B 169 15.54 8.14 -3.48
N GLY B 170 15.30 6.89 -3.10
CA GLY B 170 16.11 6.24 -2.09
C GLY B 170 17.55 6.08 -2.52
N PHE B 171 17.77 5.73 -3.80
CA PHE B 171 19.13 5.62 -4.32
C PHE B 171 19.83 6.97 -4.34
N LEU B 172 19.11 8.04 -4.68
CA LEU B 172 19.72 9.36 -4.64
C LEU B 172 20.11 9.74 -3.21
N ILE B 173 19.25 9.41 -2.24
CA ILE B 173 19.57 9.66 -0.84
C ILE B 173 20.83 8.89 -0.45
N ASP B 174 20.90 7.62 -0.84
CA ASP B 174 22.05 6.79 -0.50
C ASP B 174 23.32 7.33 -1.15
N LEU B 175 23.24 7.79 -2.39
CA LEU B 175 24.39 8.37 -3.07
C LEU B 175 24.86 9.64 -2.37
N LYS B 176 23.90 10.50 -1.97
CA LYS B 176 24.26 11.71 -1.26
C LYS B 176 24.94 11.39 0.06
N THR B 177 24.48 10.33 0.74
CA THR B 177 24.98 10.04 2.07
C THR B 177 26.33 9.33 2.04
N ARG B 178 26.45 8.26 1.26
CA ARG B 178 27.56 7.32 1.38
C ARG B 178 28.50 7.31 0.17
N TYR B 179 28.30 8.19 -0.81
CA TYR B 179 29.14 8.22 -2.01
C TYR B 179 29.62 9.66 -2.23
N PRO B 180 30.53 10.15 -1.40
CA PRO B 180 31.07 11.50 -1.61
C PRO B 180 31.88 11.63 -2.88
N ILE B 181 32.32 10.53 -3.49
CA ILE B 181 33.05 10.60 -4.76
C ILE B 181 32.17 11.21 -5.83
N LEU B 182 30.90 10.82 -5.88
CA LEU B 182 29.91 11.52 -6.69
C LEU B 182 29.48 12.76 -5.90
N GLU B 183 30.11 13.90 -6.22
CA GLU B 183 30.00 15.07 -5.35
C GLU B 183 28.57 15.60 -5.32
N ASN B 184 27.95 15.76 -6.48
CA ASN B 184 26.56 16.22 -6.58
C ASN B 184 25.75 15.15 -7.30
N PRO B 185 25.08 14.25 -6.58
CA PRO B 185 24.21 13.27 -7.26
C PRO B 185 23.04 13.90 -7.99
N GLU B 186 22.67 15.14 -7.66
CA GLU B 186 21.55 15.80 -8.34
C GLU B 186 21.80 16.02 -9.82
N ILE B 187 23.07 16.04 -10.25
CA ILE B 187 23.35 16.14 -11.68
C ILE B 187 23.03 14.86 -12.43
N LEU B 188 22.65 13.81 -11.71
CA LEU B 188 22.24 12.54 -12.30
C LEU B 188 20.74 12.31 -12.09
N ARG B 189 19.93 13.36 -12.20
CA ARG B 189 18.49 13.27 -12.03
C ARG B 189 17.75 13.43 -13.35
N LYS B 190 18.04 14.48 -14.10
CA LYS B 190 17.33 14.73 -15.35
C LYS B 190 17.56 13.60 -16.36
N THR B 191 18.83 13.27 -16.61
CA THR B 191 19.14 12.22 -17.57
C THR B 191 18.69 10.85 -17.06
N ALA B 192 18.81 10.62 -15.76
CA ALA B 192 18.34 9.36 -15.19
C ALA B 192 16.83 9.21 -15.34
N ASP B 193 16.08 10.31 -15.15
CA ASP B 193 14.63 10.22 -15.34
C ASP B 193 14.27 10.07 -16.82
N ASP B 194 15.05 10.68 -17.72
CA ASP B 194 14.83 10.46 -19.14
C ASP B 194 15.02 8.99 -19.49
N PHE B 195 16.08 8.38 -18.98
CA PHE B 195 16.30 6.95 -19.20
C PHE B 195 15.24 6.11 -18.52
N LEU B 196 14.71 6.55 -17.39
CA LEU B 196 13.62 5.84 -16.74
C LEU B 196 12.37 5.83 -17.62
N ASN B 197 12.06 6.97 -18.23
CA ASN B 197 10.94 7.02 -19.18
C ASN B 197 11.19 6.11 -20.37
N ARG B 198 12.41 6.12 -20.90
CA ARG B 198 12.76 5.24 -22.02
C ARG B 198 12.59 3.78 -21.63
N ILE B 199 13.01 3.42 -20.42
CA ILE B 199 12.80 2.06 -19.92
C ILE B 199 11.31 1.75 -19.83
N ALA B 200 10.52 2.70 -19.33
CA ALA B 200 9.08 2.50 -19.23
C ALA B 200 8.45 2.26 -20.58
N LEU B 201 9.03 2.80 -21.65
CA LEU B 201 8.51 2.52 -22.99
C LEU B 201 8.60 1.04 -23.33
N THR B 202 9.60 0.34 -22.80
CA THR B 202 9.87 -1.04 -23.14
C THR B 202 9.07 -1.98 -22.24
N ASP B 203 9.39 -3.27 -22.31
CA ASP B 203 8.77 -4.30 -21.48
C ASP B 203 9.51 -4.52 -20.16
N ALA B 204 10.53 -3.69 -19.87
CA ALA B 204 11.36 -3.92 -18.69
C ALA B 204 10.55 -3.92 -17.41
N TYR B 205 9.47 -3.14 -17.36
CA TYR B 205 8.64 -3.11 -16.16
C TYR B 205 8.00 -4.46 -15.85
N LEU B 206 7.88 -5.33 -16.85
CA LEU B 206 7.39 -6.69 -16.65
C LEU B 206 8.52 -7.71 -16.46
N LEU B 207 9.77 -7.28 -16.55
CA LEU B 207 10.90 -8.19 -16.51
C LEU B 207 11.89 -7.92 -15.39
N TYR B 208 11.88 -6.74 -14.78
CA TYR B 208 12.87 -6.38 -13.78
C TYR B 208 12.20 -5.68 -12.61
N THR B 209 12.89 -5.71 -11.48
CA THR B 209 12.38 -5.06 -10.28
C THR B 209 12.49 -3.54 -10.40
N PRO B 210 11.62 -2.79 -9.72
CA PRO B 210 11.72 -1.32 -9.77
C PRO B 210 13.06 -0.81 -9.24
N SER B 211 13.62 -1.46 -8.22
CA SER B 211 14.94 -1.07 -7.74
C SER B 211 16.00 -1.25 -8.81
N GLN B 212 15.95 -2.37 -9.54
CA GLN B 212 16.90 -2.59 -10.63
C GLN B 212 16.73 -1.55 -11.72
N ILE B 213 15.48 -1.19 -12.05
CA ILE B 213 15.24 -0.18 -13.07
C ILE B 213 15.79 1.17 -12.64
N ALA B 214 15.55 1.55 -11.38
CA ALA B 214 16.05 2.83 -10.89
C ALA B 214 17.58 2.86 -10.88
N LEU B 215 18.21 1.78 -10.40
CA LEU B 215 19.67 1.72 -10.38
C LEU B 215 20.24 1.76 -11.78
N THR B 216 19.61 1.05 -12.73
CA THR B 216 20.07 1.08 -14.12
C THR B 216 19.97 2.48 -14.70
N ALA B 217 18.88 3.19 -14.42
CA ALA B 217 18.74 4.55 -14.91
C ALA B 217 19.82 5.46 -14.33
N ILE B 218 20.07 5.34 -13.02
CA ILE B 218 21.08 6.20 -12.38
C ILE B 218 22.46 5.91 -12.95
N LEU B 219 22.80 4.63 -13.11
CA LEU B 219 24.13 4.29 -13.60
C LEU B 219 24.31 4.63 -15.07
N SER B 220 23.25 4.52 -15.87
CA SER B 220 23.31 5.00 -17.24
C SER B 220 23.52 6.51 -17.29
N SER B 221 22.86 7.24 -16.40
CA SER B 221 23.07 8.69 -16.32
C SER B 221 24.53 9.00 -15.94
N ALA B 222 25.08 8.23 -14.99
CA ALA B 222 26.47 8.42 -14.60
C ALA B 222 27.41 8.14 -15.77
N SER B 223 27.17 7.05 -16.49
CA SER B 223 28.02 6.71 -17.64
C SER B 223 27.94 7.78 -18.71
N ARG B 224 26.74 8.33 -18.93
CA ARG B 224 26.60 9.45 -19.86
C ARG B 224 27.38 10.66 -19.38
N ALA B 225 27.54 10.82 -18.08
CA ALA B 225 28.29 11.92 -17.49
C ALA B 225 29.78 11.61 -17.34
N GLY B 226 30.22 10.43 -17.77
CA GLY B 226 31.61 10.05 -17.62
C GLY B 226 32.00 9.64 -16.21
N ILE B 227 31.03 9.27 -15.38
CA ILE B 227 31.27 8.87 -13.99
C ILE B 227 31.12 7.36 -13.90
N THR B 228 32.10 6.71 -13.27
CA THR B 228 32.08 5.27 -13.08
C THR B 228 31.92 5.00 -11.59
N MET B 229 30.70 4.63 -11.18
CA MET B 229 30.41 4.27 -9.79
C MET B 229 30.36 2.78 -9.60
N GLU B 230 31.25 2.02 -10.26
CA GLU B 230 31.39 0.62 -9.96
C GLU B 230 31.77 0.41 -8.50
N SER B 231 32.46 1.38 -7.91
CA SER B 231 32.77 1.32 -6.48
C SER B 231 31.51 1.40 -5.64
N TYR B 232 30.50 2.15 -6.09
CA TYR B 232 29.25 2.23 -5.34
C TYR B 232 28.61 0.85 -5.20
N LEU B 233 28.60 0.07 -6.28
CA LEU B 233 28.10 -1.29 -6.19
C LEU B 233 29.02 -2.18 -5.37
N SER B 234 30.32 -2.13 -5.65
CA SER B 234 31.26 -3.03 -4.99
C SER B 234 31.43 -2.67 -3.51
N GLU B 235 31.63 -1.40 -3.21
CA GLU B 235 31.93 -0.99 -1.84
C GLU B 235 30.67 -0.63 -1.05
N SER B 236 29.93 0.38 -1.51
CA SER B 236 28.78 0.85 -0.75
C SER B 236 27.69 -0.21 -0.65
N LEU B 237 27.41 -0.90 -1.74
CA LEU B 237 26.45 -1.99 -1.73
C LEU B 237 27.08 -3.34 -1.38
N MET B 238 28.35 -3.33 -0.97
CA MET B 238 29.09 -4.49 -0.47
C MET B 238 29.11 -5.67 -1.45
N LEU B 239 28.78 -5.42 -2.72
CA LEU B 239 28.78 -6.48 -3.72
C LEU B 239 30.17 -7.01 -4.04
N LYS B 240 31.24 -6.33 -3.60
CA LYS B 240 32.56 -6.91 -3.73
C LYS B 240 32.76 -8.11 -2.79
N GLU B 241 31.86 -8.29 -1.83
CA GLU B 241 31.83 -9.48 -0.98
C GLU B 241 31.06 -10.63 -1.60
N ASN B 242 30.43 -10.42 -2.76
CA ASN B 242 29.66 -11.46 -3.45
C ASN B 242 29.81 -11.22 -4.95
N ARG B 243 30.78 -11.91 -5.57
CA ARG B 243 31.08 -11.68 -6.97
C ARG B 243 29.92 -12.10 -7.87
N THR B 244 29.27 -13.22 -7.55
CA THR B 244 28.18 -13.69 -8.38
C THR B 244 27.00 -12.72 -8.35
N CYS B 245 26.69 -12.14 -7.19
CA CYS B 245 25.60 -11.18 -7.11
C CYS B 245 25.92 -9.92 -7.92
N LEU B 246 27.16 -9.44 -7.84
CA LEU B 246 27.55 -8.27 -8.63
C LEU B 246 27.47 -8.56 -10.12
N SER B 247 27.94 -9.73 -10.54
CA SER B 247 27.84 -10.11 -11.94
C SER B 247 26.39 -10.18 -12.40
N GLN B 248 25.52 -10.78 -11.56
CA GLN B 248 24.11 -10.88 -11.91
C GLN B 248 23.48 -9.50 -12.06
N LEU B 249 23.78 -8.59 -11.14
CA LEU B 249 23.23 -7.24 -11.22
C LEU B 249 23.73 -6.52 -12.47
N LEU B 250 25.03 -6.63 -12.75
CA LEU B 250 25.59 -5.96 -13.92
C LEU B 250 24.96 -6.50 -15.21
N ASP B 251 24.74 -7.82 -15.27
CA ASP B 251 24.09 -8.40 -16.44
C ASP B 251 22.63 -7.95 -16.55
N ILE B 252 21.95 -7.78 -15.41
CA ILE B 252 20.58 -7.27 -15.43
C ILE B 252 20.54 -5.87 -16.03
N MET B 253 21.45 -5.00 -15.57
CA MET B 253 21.49 -3.64 -16.11
C MET B 253 21.86 -3.64 -17.59
N LYS B 254 22.80 -4.50 -17.99
CA LYS B 254 23.17 -4.58 -19.39
C LYS B 254 22.00 -5.02 -20.25
N SER B 255 21.23 -6.01 -19.76
CA SER B 255 20.04 -6.46 -20.49
C SER B 255 19.00 -5.35 -20.59
N MET B 256 18.82 -4.57 -19.51
CA MET B 256 17.88 -3.45 -19.56
C MET B 256 18.32 -2.41 -20.59
N ARG B 257 19.61 -2.09 -20.62
CA ARG B 257 20.11 -1.15 -21.61
C ARG B 257 19.92 -1.69 -23.03
N ASN B 258 20.12 -3.01 -23.20
CA ASN B 258 19.89 -3.63 -24.50
C ASN B 258 18.42 -3.52 -24.91
N LEU B 259 17.51 -3.73 -23.97
CA LEU B 259 16.09 -3.55 -24.25
C LEU B 259 15.80 -2.10 -24.66
N VAL B 260 16.44 -1.15 -24.00
CA VAL B 260 16.19 0.26 -24.31
C VAL B 260 16.70 0.60 -25.71
N LYS B 261 17.92 0.18 -26.05
CA LYS B 261 18.48 0.56 -27.34
C LYS B 261 17.75 -0.14 -28.48
N LYS B 262 17.24 -1.35 -28.26
CA LYS B 262 16.54 -2.09 -29.29
C LYS B 262 15.07 -1.68 -29.43
N TYR B 263 14.59 -0.77 -28.59
CA TYR B 263 13.21 -0.32 -28.69
C TYR B 263 12.98 0.40 -30.02
N GLU B 264 11.83 0.13 -30.62
CA GLU B 264 11.48 0.70 -31.92
C GLU B 264 10.15 1.44 -31.77
N PRO B 265 10.13 2.77 -31.92
CA PRO B 265 8.86 3.49 -31.81
C PRO B 265 7.93 3.10 -32.94
N PRO B 266 6.62 3.11 -32.72
CA PRO B 266 5.68 2.84 -33.82
C PRO B 266 5.75 3.93 -34.87
N ARG B 267 5.68 3.51 -36.13
CA ARG B 267 5.66 4.46 -37.24
C ARG B 267 4.25 4.98 -37.48
N SER B 268 4.15 6.27 -37.80
CA SER B 268 2.85 6.92 -37.91
C SER B 268 1.98 6.29 -38.99
N GLU B 269 2.56 6.01 -40.16
CA GLU B 269 1.81 5.39 -41.24
C GLU B 269 1.39 3.96 -40.87
N GLU B 270 2.30 3.20 -40.26
CA GLU B 270 1.95 1.87 -39.79
C GLU B 270 0.86 1.94 -38.73
N VAL B 271 0.95 2.92 -37.83
CA VAL B 271 -0.08 3.10 -36.82
C VAL B 271 -1.42 3.39 -37.47
N ALA B 272 -1.44 4.23 -38.51
CA ALA B 272 -2.69 4.53 -39.19
C ALA B 272 -3.29 3.28 -39.83
N VAL B 273 -2.47 2.50 -40.52
CA VAL B 273 -2.96 1.29 -41.19
C VAL B 273 -3.51 0.30 -40.16
N LEU B 274 -2.76 0.09 -39.07
CA LEU B 274 -3.23 -0.83 -38.04
C LEU B 274 -4.46 -0.29 -37.31
N LYS B 275 -4.59 1.05 -37.24
CA LYS B 275 -5.80 1.64 -36.68
C LYS B 275 -7.01 1.32 -37.54
N GLN B 276 -6.87 1.42 -38.86
CA GLN B 276 -7.95 1.02 -39.74
C GLN B 276 -8.29 -0.45 -39.55
N LYS B 277 -7.27 -1.30 -39.46
CA LYS B 277 -7.51 -2.73 -39.25
C LYS B 277 -8.24 -2.99 -37.93
N LEU B 278 -7.83 -2.30 -36.87
CA LEU B 278 -8.46 -2.48 -35.56
C LEU B 278 -9.91 -2.00 -35.58
N GLU B 279 -10.17 -0.88 -36.24
CA GLU B 279 -11.54 -0.38 -36.35
C GLU B 279 -12.41 -1.37 -37.11
N ARG B 280 -11.88 -1.95 -38.19
CA ARG B 280 -12.63 -2.96 -38.92
C ARG B 280 -12.89 -4.19 -38.05
N CYS B 281 -11.89 -4.58 -37.24
CA CYS B 281 -12.06 -5.73 -36.36
C CYS B 281 -13.17 -5.49 -35.35
N HIS B 282 -13.21 -4.29 -34.77
CA HIS B 282 -14.24 -3.99 -33.78
C HIS B 282 -15.62 -3.80 -34.42
N SER B 283 -15.65 -3.35 -35.68
CA SER B 283 -16.93 -3.22 -36.38
C SER B 283 -17.53 -4.56 -36.77
N ALA B 284 -16.78 -5.65 -36.65
CA ALA B 284 -17.24 -6.98 -37.03
C ALA B 284 -17.70 -7.75 -35.79
N GLU B 285 -18.11 -9.00 -36.02
CA GLU B 285 -18.66 -9.87 -34.97
C GLU B 285 -19.82 -9.19 -34.25
N LYS C 13 -22.28 -19.19 -9.19
CA LYS C 13 -20.89 -19.07 -8.75
C LYS C 13 -20.44 -20.31 -8.00
N ARG C 14 -19.27 -20.23 -7.37
CA ARG C 14 -18.70 -21.34 -6.61
C ARG C 14 -19.06 -21.31 -5.14
N TYR C 15 -19.81 -20.31 -4.69
CA TYR C 15 -20.17 -20.15 -3.29
C TYR C 15 -21.66 -20.32 -3.12
N GLU C 16 -22.06 -21.28 -2.29
CA GLU C 16 -23.45 -21.46 -1.90
C GLU C 16 -23.71 -20.68 -0.63
N LYS C 17 -24.62 -19.71 -0.70
CA LYS C 17 -24.93 -18.87 0.45
C LYS C 17 -25.51 -19.71 1.57
N LEU C 18 -24.99 -19.52 2.78
CA LEU C 18 -25.42 -20.29 3.95
C LEU C 18 -26.23 -19.47 4.93
N ASP C 19 -25.71 -18.33 5.38
CA ASP C 19 -26.33 -17.60 6.49
C ASP C 19 -26.06 -16.11 6.34
N PHE C 20 -26.96 -15.30 6.88
CA PHE C 20 -26.79 -13.86 6.93
C PHE C 20 -26.02 -13.48 8.19
N LEU C 21 -25.06 -12.57 8.04
CA LEU C 21 -24.20 -12.16 9.14
C LEU C 21 -24.32 -10.70 9.51
N GLY C 22 -24.64 -9.82 8.57
CA GLY C 22 -24.79 -8.42 8.91
C GLY C 22 -24.94 -7.59 7.65
N GLU C 23 -25.21 -6.30 7.88
CA GLU C 23 -25.37 -5.35 6.78
C GLU C 23 -25.16 -3.95 7.34
N GLY C 24 -25.14 -2.98 6.43
CA GLY C 24 -24.97 -1.60 6.83
C GLY C 24 -25.08 -0.68 5.63
N GLN C 25 -24.66 0.57 5.85
CA GLN C 25 -24.64 1.54 4.77
C GLN C 25 -23.68 1.16 3.66
N PHE C 26 -22.70 0.31 3.96
CA PHE C 26 -21.60 0.00 3.05
C PHE C 26 -21.81 -1.32 2.30
N ALA C 27 -22.03 -2.41 3.03
CA ALA C 27 -22.06 -3.73 2.44
C ALA C 27 -22.84 -4.68 3.35
N THR C 28 -23.01 -5.91 2.89
CA THR C 28 -23.62 -6.97 3.68
C THR C 28 -22.68 -8.17 3.70
N VAL C 29 -22.76 -8.97 4.76
CA VAL C 29 -21.86 -10.10 4.94
C VAL C 29 -22.68 -11.37 5.12
N TYR C 30 -22.31 -12.42 4.39
CA TYR C 30 -22.93 -13.72 4.51
C TYR C 30 -21.89 -14.81 4.73
N LYS C 31 -22.21 -15.75 5.61
CA LYS C 31 -21.46 -16.99 5.71
C LYS C 31 -21.84 -17.88 4.52
N ALA C 32 -20.84 -18.41 3.83
CA ALA C 32 -21.06 -19.22 2.63
C ALA C 32 -20.03 -20.33 2.56
N ARG C 33 -20.45 -21.47 2.01
CA ARG C 33 -19.55 -22.61 1.81
C ARG C 33 -18.66 -22.33 0.61
N ILE C 40 -15.49 -22.87 4.79
CA ILE C 40 -16.44 -21.84 5.18
C ILE C 40 -15.80 -20.46 5.12
N VAL C 41 -16.43 -19.57 4.36
CA VAL C 41 -15.92 -18.22 4.11
C VAL C 41 -17.02 -17.22 4.44
N ALA C 42 -16.61 -15.95 4.50
CA ALA C 42 -17.52 -14.82 4.66
C ALA C 42 -17.41 -13.94 3.43
N ILE C 43 -18.55 -13.65 2.81
CA ILE C 43 -18.61 -12.82 1.61
C ILE C 43 -19.19 -11.47 1.99
N LYS C 44 -18.45 -10.41 1.69
CA LYS C 44 -18.86 -9.04 1.94
C LYS C 44 -19.15 -8.39 0.59
N LYS C 45 -20.43 -8.10 0.35
CA LYS C 45 -20.88 -7.51 -0.91
C LYS C 45 -21.37 -6.09 -0.68
N LYS C 55 -22.28 6.42 -11.13
CA LYS C 55 -21.34 6.88 -12.13
C LYS C 55 -19.91 6.86 -11.61
N ASP C 56 -19.76 6.59 -10.31
CA ASP C 56 -18.45 6.56 -9.69
C ASP C 56 -17.73 5.22 -9.85
N GLY C 57 -18.42 4.18 -10.30
CA GLY C 57 -17.75 2.91 -10.54
C GLY C 57 -17.64 2.05 -9.31
N ILE C 58 -16.60 1.22 -9.28
CA ILE C 58 -16.38 0.31 -8.17
C ILE C 58 -16.19 1.11 -6.88
N ASN C 59 -16.79 0.63 -5.80
CA ASN C 59 -16.69 1.31 -4.52
C ASN C 59 -15.24 1.43 -4.09
N ARG C 60 -14.85 2.64 -3.67
CA ARG C 60 -13.45 2.90 -3.32
C ARG C 60 -13.03 2.15 -2.07
N THR C 61 -13.95 1.93 -1.13
CA THR C 61 -13.62 1.15 0.06
C THR C 61 -13.26 -0.28 -0.30
N ALA C 62 -14.04 -0.91 -1.19
CA ALA C 62 -13.74 -2.26 -1.63
C ALA C 62 -12.42 -2.32 -2.38
N LEU C 63 -12.15 -1.33 -3.23
CA LEU C 63 -10.88 -1.28 -3.94
C LEU C 63 -9.71 -1.14 -2.97
N ARG C 64 -9.88 -0.30 -1.95
CA ARG C 64 -8.86 -0.16 -0.92
C ARG C 64 -8.58 -1.48 -0.23
N GLU C 65 -9.64 -2.17 0.19
CA GLU C 65 -9.47 -3.44 0.88
C GLU C 65 -8.80 -4.48 -0.01
N ILE C 66 -9.22 -4.56 -1.28
CA ILE C 66 -8.63 -5.52 -2.20
C ILE C 66 -7.16 -5.21 -2.44
N LYS C 67 -6.85 -3.96 -2.78
CA LYS C 67 -5.48 -3.61 -3.12
C LYS C 67 -4.54 -3.69 -1.92
N LEU C 68 -5.06 -3.59 -0.70
CA LEU C 68 -4.18 -3.70 0.45
C LEU C 68 -4.03 -5.14 0.92
N LEU C 69 -5.12 -5.92 0.97
CA LEU C 69 -5.03 -7.27 1.50
C LEU C 69 -4.39 -8.26 0.52
N GLN C 70 -4.29 -7.91 -0.76
CA GLN C 70 -3.56 -8.79 -1.68
C GLN C 70 -2.06 -8.75 -1.43
N GLU C 71 -1.54 -7.61 -0.97
CA GLU C 71 -0.12 -7.44 -0.74
C GLU C 71 0.32 -7.80 0.68
N LEU C 72 -0.61 -8.28 1.51
CA LEU C 72 -0.31 -8.59 2.91
C LEU C 72 -0.62 -10.05 3.20
N SER C 73 0.26 -10.69 3.96
CA SER C 73 0.06 -12.08 4.36
C SER C 73 0.66 -12.25 5.74
N HIS C 74 -0.19 -12.45 6.74
CA HIS C 74 0.25 -12.59 8.12
C HIS C 74 -0.85 -13.28 8.90
N PRO C 75 -0.52 -14.15 9.87
CA PRO C 75 -1.58 -14.86 10.60
C PRO C 75 -2.50 -13.95 11.38
N ASN C 76 -2.08 -12.73 11.71
CA ASN C 76 -2.89 -11.79 12.48
C ASN C 76 -3.49 -10.70 11.60
N ILE C 77 -3.54 -10.93 10.30
CA ILE C 77 -4.22 -10.03 9.35
C ILE C 77 -5.23 -10.86 8.58
N ILE C 78 -6.45 -10.32 8.44
CA ILE C 78 -7.49 -11.04 7.72
C ILE C 78 -7.05 -11.32 6.29
N GLY C 79 -7.34 -12.52 5.81
CA GLY C 79 -6.92 -12.95 4.50
C GLY C 79 -8.03 -12.83 3.48
N LEU C 80 -7.75 -12.13 2.39
CA LEU C 80 -8.68 -12.02 1.27
C LEU C 80 -8.43 -13.21 0.34
N LEU C 81 -9.31 -14.21 0.42
CA LEU C 81 -9.12 -15.42 -0.37
C LEU C 81 -9.50 -15.23 -1.82
N ASP C 82 -10.53 -14.43 -2.10
CA ASP C 82 -11.05 -14.32 -3.45
C ASP C 82 -11.91 -13.08 -3.55
N ALA C 83 -12.09 -12.60 -4.79
CA ALA C 83 -12.96 -11.48 -5.08
C ALA C 83 -13.68 -11.73 -6.40
N PHE C 84 -14.89 -11.20 -6.52
CA PHE C 84 -15.73 -11.45 -7.68
C PHE C 84 -16.84 -10.40 -7.71
N GLY C 85 -17.73 -10.52 -8.67
CA GLY C 85 -18.87 -9.64 -8.77
C GLY C 85 -19.28 -9.45 -10.22
N HIS C 86 -20.14 -8.46 -10.44
CA HIS C 86 -20.66 -8.15 -11.76
C HIS C 86 -20.92 -6.65 -11.85
N LYS C 87 -20.82 -6.12 -13.06
CA LYS C 87 -21.13 -4.71 -13.36
C LYS C 87 -20.23 -3.84 -12.49
N SER C 88 -20.76 -2.81 -11.82
CA SER C 88 -19.99 -2.02 -10.87
C SER C 88 -20.05 -2.57 -9.46
N ASN C 89 -20.82 -3.62 -9.23
CA ASN C 89 -20.85 -4.29 -7.94
C ASN C 89 -19.62 -5.18 -7.79
N ILE C 90 -19.31 -5.53 -6.54
CA ILE C 90 -18.15 -6.36 -6.25
C ILE C 90 -18.37 -7.04 -4.91
N SER C 91 -17.83 -8.25 -4.78
CA SER C 91 -17.88 -9.01 -3.54
C SER C 91 -16.48 -9.44 -3.15
N LEU C 92 -16.22 -9.47 -1.85
CA LEU C 92 -14.92 -9.84 -1.30
C LEU C 92 -15.08 -11.08 -0.43
N VAL C 93 -14.22 -12.07 -0.61
CA VAL C 93 -14.29 -13.32 0.12
C VAL C 93 -13.16 -13.36 1.14
N PHE C 94 -13.52 -13.59 2.41
CA PHE C 94 -12.58 -13.63 3.51
C PHE C 94 -12.73 -14.96 4.25
N ASP C 95 -11.71 -15.30 5.02
CA ASP C 95 -11.85 -16.42 5.95
C ASP C 95 -12.98 -16.12 6.94
N PHE C 96 -13.76 -17.15 7.25
CA PHE C 96 -14.86 -16.98 8.20
C PHE C 96 -14.31 -16.79 9.61
N MET C 97 -14.83 -15.79 10.32
CA MET C 97 -14.29 -15.36 11.59
C MET C 97 -15.36 -15.62 12.65
N GLU C 98 -14.99 -16.28 13.75
CA GLU C 98 -16.02 -16.74 14.68
C GLU C 98 -16.59 -15.61 15.53
N THR C 99 -15.75 -14.71 16.02
CA THR C 99 -16.23 -13.61 16.85
C THR C 99 -15.23 -12.46 16.74
N ASP C 100 -15.40 -11.46 17.60
CA ASP C 100 -14.50 -10.30 17.63
C ASP C 100 -14.32 -9.84 19.06
N LEU C 101 -13.38 -8.91 19.25
CA LEU C 101 -13.05 -8.46 20.59
C LEU C 101 -14.20 -7.67 21.23
N GLU C 102 -15.03 -7.02 20.43
CA GLU C 102 -16.17 -6.30 20.99
C GLU C 102 -17.13 -7.26 21.68
N VAL C 103 -17.41 -8.40 21.04
CA VAL C 103 -18.28 -9.41 21.67
C VAL C 103 -17.64 -9.94 22.93
N ILE C 104 -16.32 -10.17 22.90
CA ILE C 104 -15.62 -10.67 24.09
C ILE C 104 -15.75 -9.68 25.25
N ILE C 105 -15.51 -8.39 24.97
CA ILE C 105 -15.57 -7.38 26.01
C ILE C 105 -16.98 -7.25 26.57
N LYS C 106 -17.97 -7.21 25.67
CA LYS C 106 -19.35 -6.98 26.10
C LYS C 106 -19.98 -8.19 26.79
N ASP C 107 -19.34 -9.36 26.73
CA ASP C 107 -19.91 -10.56 27.33
C ASP C 107 -19.63 -10.55 28.83
N ASN C 108 -20.70 -10.56 29.63
CA ASN C 108 -20.56 -10.56 31.08
C ASN C 108 -20.14 -11.91 31.62
N SER C 109 -20.46 -13.00 30.91
CA SER C 109 -20.07 -14.33 31.36
C SER C 109 -18.58 -14.56 31.23
N LEU C 110 -17.95 -13.95 30.23
CA LEU C 110 -16.52 -14.16 30.00
C LEU C 110 -15.69 -13.45 31.06
N VAL C 111 -14.76 -14.16 31.66
CA VAL C 111 -13.78 -13.58 32.58
C VAL C 111 -12.49 -13.41 31.81
N LEU C 112 -12.02 -12.16 31.71
CA LEU C 112 -10.80 -11.85 30.98
C LEU C 112 -9.63 -11.88 31.95
N THR C 113 -8.93 -13.01 32.00
CA THR C 113 -7.76 -13.14 32.83
C THR C 113 -6.61 -12.30 32.25
N PRO C 114 -5.59 -12.00 33.05
CA PRO C 114 -4.42 -11.31 32.49
C PRO C 114 -3.77 -12.07 31.33
N SER C 115 -3.79 -13.40 31.37
CA SER C 115 -3.24 -14.18 30.27
C SER C 115 -4.02 -13.96 28.99
N HIS C 116 -5.35 -13.96 29.07
CA HIS C 116 -6.17 -13.71 27.88
C HIS C 116 -5.92 -12.31 27.33
N ILE C 117 -5.84 -11.32 28.20
CA ILE C 117 -5.57 -9.95 27.77
C ILE C 117 -4.22 -9.87 27.08
N LYS C 118 -3.21 -10.53 27.66
CA LYS C 118 -1.88 -10.55 27.05
C LYS C 118 -1.92 -11.24 25.69
N ALA C 119 -2.67 -12.33 25.57
CA ALA C 119 -2.75 -13.04 24.29
C ALA C 119 -3.38 -12.17 23.21
N TYR C 120 -4.52 -11.54 23.51
CA TYR C 120 -5.16 -10.66 22.55
C TYR C 120 -4.24 -9.51 22.18
N MET C 121 -3.60 -8.91 23.19
CA MET C 121 -2.69 -7.78 22.96
C MET C 121 -1.53 -8.19 22.08
N LEU C 122 -0.98 -9.39 22.33
CA LEU C 122 0.16 -9.88 21.57
C LEU C 122 -0.21 -10.12 20.11
N MET C 123 -1.35 -10.77 19.87
CA MET C 123 -1.76 -11.02 18.49
C MET C 123 -2.03 -9.70 17.77
N THR C 124 -2.73 -8.77 18.42
CA THR C 124 -2.99 -7.47 17.81
C THR C 124 -1.69 -6.75 17.48
N LEU C 125 -0.72 -6.77 18.41
CA LEU C 125 0.52 -6.06 18.19
C LEU C 125 1.40 -6.72 17.14
N GLN C 126 1.37 -8.04 17.04
CA GLN C 126 2.12 -8.71 15.97
C GLN C 126 1.54 -8.37 14.60
N GLY C 127 0.22 -8.42 14.47
CA GLY C 127 -0.40 -7.99 13.23
C GLY C 127 -0.09 -6.54 12.90
N LEU C 128 -0.12 -5.67 13.92
CA LEU C 128 0.16 -4.26 13.69
C LEU C 128 1.62 -4.02 13.32
N GLU C 129 2.53 -4.79 13.92
CA GLU C 129 3.95 -4.67 13.57
C GLU C 129 4.18 -5.08 12.12
N TYR C 130 3.56 -6.19 11.70
CA TYR C 130 3.66 -6.59 10.30
C TYR C 130 3.08 -5.51 9.39
N LEU C 131 1.93 -4.95 9.76
CA LEU C 131 1.28 -3.94 8.93
C LEU C 131 2.13 -2.69 8.82
N HIS C 132 2.65 -2.19 9.94
CA HIS C 132 3.46 -0.98 9.92
C HIS C 132 4.78 -1.20 9.18
N GLN C 133 5.35 -2.41 9.30
CA GLN C 133 6.57 -2.72 8.57
C GLN C 133 6.38 -2.58 7.06
N HIS C 134 5.16 -2.82 6.58
CA HIS C 134 4.82 -2.61 5.19
C HIS C 134 4.17 -1.26 4.96
N TRP C 135 4.38 -0.32 5.89
CA TRP C 135 4.02 1.09 5.71
C TRP C 135 2.53 1.26 5.44
N ILE C 136 1.71 0.60 6.26
CA ILE C 136 0.26 0.73 6.18
C ILE C 136 -0.28 1.02 7.58
N LEU C 137 -1.10 2.06 7.69
CA LEU C 137 -1.84 2.37 8.90
C LEU C 137 -3.25 1.80 8.79
N HIS C 138 -3.70 1.09 9.82
CA HIS C 138 -5.06 0.55 9.82
C HIS C 138 -6.09 1.68 9.86
N ARG C 139 -5.93 2.62 10.79
CA ARG C 139 -6.74 3.82 10.94
C ARG C 139 -8.19 3.55 11.31
N ASP C 140 -8.55 2.30 11.60
CA ASP C 140 -9.90 1.98 12.07
C ASP C 140 -9.87 0.92 13.15
N LEU C 141 -8.86 0.97 14.02
CA LEU C 141 -8.72 -0.04 15.05
C LEU C 141 -9.78 0.13 16.13
N LYS C 142 -10.50 -0.94 16.42
CA LYS C 142 -11.51 -0.97 17.47
C LYS C 142 -11.81 -2.44 17.78
N PRO C 143 -12.43 -2.72 18.93
CA PRO C 143 -12.64 -4.13 19.30
C PRO C 143 -13.41 -4.94 18.29
N ASN C 144 -14.35 -4.33 17.55
CA ASN C 144 -15.10 -5.10 16.56
C ASN C 144 -14.36 -5.26 15.23
N ASN C 145 -13.17 -4.69 15.10
CA ASN C 145 -12.33 -4.91 13.93
C ASN C 145 -11.19 -5.87 14.23
N LEU C 146 -11.18 -6.49 15.40
CA LEU C 146 -10.22 -7.52 15.77
C LEU C 146 -10.99 -8.83 15.89
N LEU C 147 -10.98 -9.64 14.84
CA LEU C 147 -11.84 -10.81 14.75
C LEU C 147 -11.11 -12.06 15.22
N LEU C 148 -11.86 -12.96 15.85
CA LEU C 148 -11.33 -14.20 16.41
C LEU C 148 -11.97 -15.40 15.70
N ASP C 149 -11.15 -16.39 15.38
CA ASP C 149 -11.63 -17.58 14.70
C ASP C 149 -11.83 -18.72 15.71
N GLU C 150 -12.09 -19.92 15.19
CA GLU C 150 -12.33 -21.07 16.06
C GLU C 150 -11.08 -21.50 16.80
N ASN C 151 -9.89 -21.17 16.28
CA ASN C 151 -8.64 -21.57 16.88
C ASN C 151 -8.06 -20.51 17.80
N GLY C 152 -8.84 -19.47 18.12
CA GLY C 152 -8.35 -18.41 18.98
C GLY C 152 -7.24 -17.59 18.39
N VAL C 153 -7.29 -17.32 17.08
CA VAL C 153 -6.30 -16.50 16.39
C VAL C 153 -6.96 -15.18 16.04
N LEU C 154 -6.39 -14.09 16.54
CA LEU C 154 -6.91 -12.75 16.29
C LEU C 154 -6.35 -12.20 14.99
N LYS C 155 -7.22 -11.58 14.20
CA LYS C 155 -6.83 -10.97 12.94
C LYS C 155 -7.42 -9.57 12.84
N LEU C 156 -6.60 -8.62 12.40
CA LEU C 156 -7.10 -7.29 12.09
C LEU C 156 -7.92 -7.33 10.81
N ALA C 157 -9.08 -6.70 10.83
CA ALA C 157 -10.00 -6.70 9.69
C ALA C 157 -10.46 -5.28 9.42
N ASP C 158 -11.37 -5.15 8.45
CA ASP C 158 -11.97 -3.88 8.06
C ASP C 158 -10.89 -2.87 7.64
N PHE C 159 -10.20 -3.21 6.55
CA PHE C 159 -9.18 -2.36 5.98
C PHE C 159 -9.75 -1.30 5.05
N GLY C 160 -11.02 -0.93 5.23
CA GLY C 160 -11.65 0.06 4.37
C GLY C 160 -11.12 1.46 4.57
N LEU C 161 -10.51 1.75 5.70
CA LEU C 161 -9.91 3.05 5.96
C LEU C 161 -8.39 3.00 6.00
N ALA C 162 -7.79 1.82 5.82
CA ALA C 162 -6.35 1.69 5.88
C ALA C 162 -5.68 2.43 4.74
N LYS C 163 -4.51 3.01 5.03
CA LYS C 163 -3.79 3.81 4.05
C LYS C 163 -2.29 3.68 4.30
N SER C 164 -1.53 3.80 3.21
CA SER C 164 -0.08 3.77 3.31
C SER C 164 0.45 5.09 3.87
N PHE C 165 1.53 5.01 4.64
CA PHE C 165 2.14 6.19 5.23
C PHE C 165 3.64 6.19 4.93
N GLY C 166 4.26 7.35 5.19
CA GLY C 166 5.65 7.55 4.90
C GLY C 166 5.93 8.42 3.69
N SER C 167 4.91 8.74 2.89
CA SER C 167 5.09 9.60 1.73
C SER C 167 4.84 11.05 2.12
N PRO C 168 5.82 11.95 1.97
CA PRO C 168 5.57 13.36 2.31
C PRO C 168 4.47 14.00 1.48
N ASN C 169 4.36 13.63 0.20
CA ASN C 169 3.41 14.27 -0.71
C ASN C 169 2.09 13.51 -0.74
N ARG C 170 1.51 13.32 0.45
CA ARG C 170 0.25 12.58 0.58
C ARG C 170 -0.48 13.13 1.80
N ALA C 171 -1.44 14.01 1.56
CA ALA C 171 -2.24 14.58 2.64
C ALA C 171 -3.38 13.65 3.00
N TYR C 172 -3.53 13.38 4.30
CA TYR C 172 -4.62 12.56 4.83
C TYR C 172 -5.69 13.45 5.43
N THR C 173 -6.67 12.84 6.08
CA THR C 173 -7.69 13.55 6.83
C THR C 173 -7.62 13.14 8.30
N HIS C 174 -7.95 14.08 9.17
CA HIS C 174 -7.96 13.82 10.61
C HIS C 174 -9.24 13.11 11.06
N GLN C 175 -10.25 13.01 10.21
CA GLN C 175 -11.51 12.37 10.57
C GLN C 175 -11.47 10.87 10.28
N VAL C 176 -10.44 10.20 10.79
CA VAL C 176 -10.32 8.76 10.73
C VAL C 176 -10.27 8.23 12.15
N VAL C 177 -10.46 6.92 12.28
CA VAL C 177 -10.55 6.21 13.55
C VAL C 177 -11.84 6.61 14.26
N THR C 178 -12.55 5.62 14.82
CA THR C 178 -13.73 5.92 15.63
C THR C 178 -13.34 6.85 16.77
N ARG C 179 -14.22 7.83 17.03
CA ARG C 179 -13.87 8.92 17.95
C ARG C 179 -13.41 8.41 19.31
N TRP C 180 -14.04 7.36 19.82
CA TRP C 180 -13.66 6.81 21.12
C TRP C 180 -12.23 6.28 21.12
N TYR C 181 -11.68 5.99 19.95
CA TYR C 181 -10.33 5.46 19.83
C TYR C 181 -9.41 6.40 19.07
N ARG C 182 -9.89 7.59 18.73
CA ARG C 182 -9.09 8.55 17.98
C ARG C 182 -8.04 9.19 18.87
N ALA C 183 -6.85 9.40 18.31
CA ALA C 183 -5.74 9.97 19.04
C ALA C 183 -5.89 11.49 19.15
N PRO C 184 -5.32 12.10 20.20
CA PRO C 184 -5.44 13.56 20.34
C PRO C 184 -4.85 14.34 19.17
N GLU C 185 -3.78 13.84 18.53
CA GLU C 185 -3.24 14.53 17.37
C GLU C 185 -4.26 14.58 16.23
N LEU C 186 -5.01 13.48 16.05
CA LEU C 186 -6.08 13.49 15.06
C LEU C 186 -7.18 14.46 15.45
N LEU C 187 -7.56 14.49 16.72
CA LEU C 187 -8.59 15.40 17.20
C LEU C 187 -8.17 16.86 17.12
N PHE C 188 -6.87 17.13 16.94
CA PHE C 188 -6.38 18.48 16.72
C PHE C 188 -6.14 18.77 15.24
N GLY C 189 -6.58 17.89 14.35
CA GLY C 189 -6.51 18.15 12.92
C GLY C 189 -5.20 17.79 12.25
N ALA C 190 -4.49 16.79 12.75
CA ALA C 190 -3.21 16.41 12.15
C ALA C 190 -3.43 15.88 10.74
N ARG C 191 -2.89 16.59 9.74
CA ARG C 191 -2.93 16.11 8.37
C ARG C 191 -1.92 14.99 8.15
N MET C 192 -0.75 15.09 8.78
CA MET C 192 0.31 14.11 8.67
C MET C 192 0.49 13.42 10.01
N TYR C 193 0.54 12.09 9.99
CA TYR C 193 0.72 11.31 11.20
C TYR C 193 1.38 9.98 10.83
N GLY C 194 1.64 9.17 11.85
CA GLY C 194 2.29 7.89 11.68
C GLY C 194 1.55 6.79 12.41
N VAL C 195 2.32 5.80 12.88
CA VAL C 195 1.76 4.68 13.59
C VAL C 195 1.12 5.07 14.91
N GLY C 196 1.32 6.31 15.36
CA GLY C 196 0.78 6.74 16.64
C GLY C 196 -0.73 6.65 16.72
N VAL C 197 -1.43 6.84 15.60
CA VAL C 197 -2.89 6.73 15.61
C VAL C 197 -3.31 5.30 15.93
N ASP C 198 -2.68 4.32 15.30
CA ASP C 198 -2.99 2.93 15.57
C ASP C 198 -2.57 2.54 16.98
N MET C 199 -1.43 3.04 17.46
CA MET C 199 -0.99 2.72 18.81
C MET C 199 -1.90 3.31 19.86
N TRP C 200 -2.40 4.53 19.64
CA TRP C 200 -3.36 5.12 20.57
C TRP C 200 -4.66 4.33 20.57
N ALA C 201 -5.14 3.92 19.39
CA ALA C 201 -6.31 3.07 19.33
C ALA C 201 -6.07 1.76 20.05
N VAL C 202 -4.85 1.21 19.94
CA VAL C 202 -4.49 -0.02 20.62
C VAL C 202 -4.50 0.18 22.14
N GLY C 203 -4.03 1.33 22.61
CA GLY C 203 -4.10 1.64 24.03
C GLY C 203 -5.54 1.73 24.51
N CYS C 204 -6.41 2.37 23.72
CA CYS C 204 -7.82 2.43 24.07
C CYS C 204 -8.44 1.02 24.11
N ILE C 205 -8.04 0.16 23.18
CA ILE C 205 -8.55 -1.21 23.15
C ILE C 205 -8.08 -1.97 24.39
N LEU C 206 -6.82 -1.77 24.79
CA LEU C 206 -6.32 -2.40 26.02
C LEU C 206 -7.08 -1.90 27.24
N ALA C 207 -7.37 -0.60 27.29
CA ALA C 207 -8.15 -0.06 28.40
C ALA C 207 -9.56 -0.66 28.42
N GLU C 208 -10.16 -0.82 27.24
CA GLU C 208 -11.47 -1.47 27.14
C GLU C 208 -11.40 -2.91 27.63
N LEU C 209 -10.33 -3.63 27.28
CA LEU C 209 -10.16 -5.00 27.74
C LEU C 209 -10.04 -5.05 29.27
N LEU C 210 -9.34 -4.09 29.85
CA LEU C 210 -9.15 -4.09 31.30
C LEU C 210 -10.43 -3.71 32.03
N LEU C 211 -11.12 -2.67 31.56
CA LEU C 211 -12.26 -2.11 32.25
C LEU C 211 -13.60 -2.67 31.79
N ARG C 212 -13.62 -3.44 30.70
CA ARG C 212 -14.83 -4.01 30.09
C ARG C 212 -15.80 -2.95 29.59
N VAL C 213 -15.39 -1.68 29.57
CA VAL C 213 -16.20 -0.58 29.03
C VAL C 213 -15.30 0.33 28.21
N PRO C 214 -15.87 1.09 27.29
CA PRO C 214 -15.06 2.03 26.51
C PRO C 214 -14.34 3.01 27.43
N PHE C 215 -13.06 3.25 27.12
CA PHE C 215 -12.22 4.06 27.98
C PHE C 215 -12.63 5.54 27.96
N LEU C 216 -12.80 6.09 26.76
CA LEU C 216 -13.06 7.52 26.58
C LEU C 216 -14.24 7.69 25.65
N PRO C 217 -15.47 7.57 26.16
CA PRO C 217 -16.67 7.73 25.32
C PRO C 217 -17.12 9.18 25.16
N GLY C 218 -16.46 9.88 24.24
CA GLY C 218 -16.80 11.27 23.97
C GLY C 218 -17.93 11.38 22.97
N ASP C 219 -18.96 12.15 23.34
CA ASP C 219 -20.11 12.35 22.46
C ASP C 219 -19.79 13.27 21.29
N SER C 220 -18.63 13.93 21.30
CA SER C 220 -18.22 14.81 20.21
C SER C 220 -16.71 14.94 20.28
N ASP C 221 -16.13 15.51 19.21
CA ASP C 221 -14.69 15.67 19.15
C ASP C 221 -14.18 16.49 20.34
N LEU C 222 -14.86 17.60 20.64
CA LEU C 222 -14.48 18.42 21.78
C LEU C 222 -14.63 17.65 23.09
N ASP C 223 -15.72 16.90 23.24
CA ASP C 223 -15.90 16.12 24.46
C ASP C 223 -14.91 14.95 24.52
N GLN C 224 -14.54 14.39 23.38
CA GLN C 224 -13.50 13.36 23.37
C GLN C 224 -12.18 13.92 23.87
N LEU C 225 -11.80 15.12 23.39
CA LEU C 225 -10.60 15.77 23.87
C LEU C 225 -10.70 16.08 25.36
N THR C 226 -11.87 16.54 25.80
CA THR C 226 -12.07 16.86 27.21
C THR C 226 -11.90 15.64 28.08
N ARG C 227 -12.47 14.50 27.67
CA ARG C 227 -12.33 13.28 28.45
C ARG C 227 -10.89 12.78 28.45
N ILE C 228 -10.20 12.90 27.30
CA ILE C 228 -8.79 12.52 27.24
C ILE C 228 -7.98 13.34 28.23
N PHE C 229 -8.19 14.66 28.24
CA PHE C 229 -7.43 15.53 29.12
C PHE C 229 -7.85 15.42 30.57
N GLU C 230 -9.08 15.00 30.84
CA GLU C 230 -9.53 14.81 32.22
C GLU C 230 -9.10 13.47 32.79
N THR C 231 -8.81 12.49 31.93
CA THR C 231 -8.31 11.20 32.42
C THR C 231 -6.79 11.14 32.47
N LEU C 232 -6.12 11.76 31.50
CA LEU C 232 -4.66 11.67 31.39
C LEU C 232 -3.95 12.99 31.64
N GLY C 233 -4.69 14.06 31.86
CA GLY C 233 -4.05 15.36 32.10
C GLY C 233 -3.87 16.15 30.81
N THR C 234 -3.93 17.47 30.94
CA THR C 234 -3.72 18.33 29.79
C THR C 234 -2.24 18.34 29.40
N PRO C 235 -1.91 18.04 28.15
CA PRO C 235 -0.50 18.04 27.75
C PRO C 235 0.11 19.43 27.83
N THR C 236 1.41 19.46 28.14
CA THR C 236 2.17 20.69 28.23
C THR C 236 3.15 20.77 27.05
N GLU C 237 3.97 21.81 27.06
CA GLU C 237 4.98 21.95 26.01
C GLU C 237 6.03 20.85 26.12
N GLU C 238 6.35 20.40 27.33
CA GLU C 238 7.35 19.36 27.51
C GLU C 238 6.80 17.98 27.13
N GLN C 239 5.50 17.75 27.32
CA GLN C 239 4.90 16.48 26.97
C GLN C 239 4.57 16.37 25.49
N TRP C 240 4.51 17.49 24.79
CA TRP C 240 4.11 17.52 23.38
C TRP C 240 4.63 18.81 22.78
N PRO C 241 5.86 18.81 22.26
CA PRO C 241 6.54 20.09 21.95
C PRO C 241 5.79 20.99 20.98
N ASP C 242 5.15 20.44 19.95
CA ASP C 242 4.55 21.26 18.89
C ASP C 242 3.04 21.16 18.85
N MET C 243 2.40 20.77 19.97
CA MET C 243 0.96 20.56 19.97
C MET C 243 0.19 21.81 19.55
N CYS C 244 0.71 23.00 19.85
CA CYS C 244 0.02 24.23 19.51
C CYS C 244 0.04 24.50 18.00
N SER C 245 0.92 23.84 17.25
CA SER C 245 1.01 24.09 15.82
C SER C 245 -0.04 23.33 15.01
N LEU C 246 -0.75 22.40 15.62
CA LEU C 246 -1.80 21.69 14.91
C LEU C 246 -2.92 22.66 14.53
N PRO C 247 -3.51 22.53 13.35
CA PRO C 247 -4.48 23.54 12.89
C PRO C 247 -5.70 23.68 13.78
N ASP C 248 -6.16 22.59 14.40
CA ASP C 248 -7.34 22.60 15.24
C ASP C 248 -6.99 22.43 16.71
N TYR C 249 -5.86 23.00 17.13
CA TYR C 249 -5.47 22.94 18.53
C TYR C 249 -6.34 23.88 19.35
N VAL C 250 -6.89 23.37 20.45
CA VAL C 250 -7.74 24.13 21.34
C VAL C 250 -7.20 24.02 22.75
N THR C 251 -7.01 25.18 23.40
CA THR C 251 -6.51 25.19 24.76
C THR C 251 -7.59 24.73 25.74
N PHE C 252 -7.21 23.86 26.67
CA PHE C 252 -8.14 23.28 27.63
C PHE C 252 -7.73 23.68 29.04
N LYS C 253 -8.58 23.31 30.00
CA LYS C 253 -8.26 23.53 31.40
C LYS C 253 -7.02 22.72 31.79
N SER C 254 -6.27 23.24 32.75
CA SER C 254 -5.06 22.58 33.22
C SER C 254 -5.45 21.42 34.14
N PHE C 255 -5.97 20.37 33.53
CA PHE C 255 -6.34 19.19 34.28
C PHE C 255 -5.10 18.48 34.82
N PRO C 256 -5.18 17.91 36.03
CA PRO C 256 -4.06 17.14 36.55
C PRO C 256 -4.00 15.74 35.96
N GLY C 257 -5.17 15.18 35.69
CA GLY C 257 -5.28 13.81 35.23
C GLY C 257 -5.34 12.82 36.38
N ILE C 258 -5.93 11.66 36.10
CA ILE C 258 -6.04 10.60 37.08
C ILE C 258 -4.78 9.74 37.00
N PRO C 259 -4.18 9.36 38.13
CA PRO C 259 -3.05 8.43 38.07
C PRO C 259 -3.44 7.12 37.41
N LEU C 260 -2.52 6.58 36.61
CA LEU C 260 -2.83 5.41 35.80
C LEU C 260 -3.18 4.21 36.67
N HIS C 261 -2.46 4.00 37.77
CA HIS C 261 -2.76 2.89 38.65
C HIS C 261 -4.09 3.07 39.38
N HIS C 262 -4.57 4.31 39.52
CA HIS C 262 -5.92 4.52 40.04
C HIS C 262 -6.96 4.01 39.06
N ILE C 263 -6.80 4.32 37.77
CA ILE C 263 -7.76 3.88 36.75
C ILE C 263 -7.76 2.37 36.64
N PHE C 264 -6.57 1.78 36.52
CA PHE C 264 -6.40 0.33 36.38
C PHE C 264 -5.84 -0.19 37.70
N SER C 265 -6.73 -0.50 38.64
CA SER C 265 -6.30 -0.93 39.96
C SER C 265 -5.68 -2.33 39.93
N ALA C 266 -6.16 -3.21 39.04
CA ALA C 266 -5.64 -4.56 38.95
C ALA C 266 -4.41 -4.67 38.07
N ALA C 267 -4.05 -3.61 37.34
CA ALA C 267 -2.92 -3.68 36.42
C ALA C 267 -1.60 -3.80 37.17
N GLY C 268 -0.68 -4.57 36.60
CA GLY C 268 0.67 -4.65 37.14
C GLY C 268 1.53 -3.50 36.68
N ASP C 269 2.75 -3.46 37.23
CA ASP C 269 3.69 -2.38 36.89
C ASP C 269 4.09 -2.44 35.41
N ASP C 270 4.35 -3.64 34.89
CA ASP C 270 4.70 -3.76 33.48
C ASP C 270 3.53 -3.37 32.59
N LEU C 271 2.32 -3.81 32.95
CA LEU C 271 1.15 -3.43 32.18
C LEU C 271 0.92 -1.93 32.24
N LEU C 272 1.16 -1.32 33.40
CA LEU C 272 1.01 0.13 33.53
C LEU C 272 2.04 0.87 32.69
N ASP C 273 3.27 0.34 32.62
CA ASP C 273 4.27 0.93 31.74
C ASP C 273 3.84 0.82 30.27
N LEU C 274 3.28 -0.33 29.88
CA LEU C 274 2.77 -0.47 28.52
C LEU C 274 1.66 0.53 28.23
N ILE C 275 0.74 0.68 29.18
CA ILE C 275 -0.38 1.62 29.01
C ILE C 275 0.14 3.05 28.87
N GLN C 276 1.10 3.43 29.71
CA GLN C 276 1.67 4.77 29.62
C GLN C 276 2.37 4.98 28.29
N GLY C 277 3.09 3.97 27.80
CA GLY C 277 3.71 4.08 26.49
C GLY C 277 2.70 4.24 25.37
N LEU C 278 1.56 3.55 25.49
CA LEU C 278 0.54 3.63 24.45
C LEU C 278 -0.21 4.96 24.49
N PHE C 279 -0.30 5.58 25.66
CA PHE C 279 -1.09 6.81 25.83
C PHE C 279 -0.23 8.06 25.91
N LEU C 280 1.05 7.99 25.52
CA LEU C 280 1.88 9.19 25.50
C LEU C 280 1.31 10.21 24.54
N PHE C 281 1.18 11.45 24.99
CA PHE C 281 0.60 12.49 24.16
C PHE C 281 1.46 12.79 22.94
N ASN C 282 2.77 12.76 23.10
CA ASN C 282 3.65 12.99 21.97
C ASN C 282 3.58 11.80 21.02
N PRO C 283 3.09 11.96 19.78
CA PRO C 283 2.99 10.82 18.88
C PRO C 283 4.33 10.19 18.54
N CYS C 284 5.39 10.99 18.44
CA CYS C 284 6.72 10.44 18.17
C CYS C 284 7.20 9.60 19.34
N ALA C 285 6.97 10.06 20.56
CA ALA C 285 7.40 9.33 21.75
C ALA C 285 6.51 8.13 22.05
N ARG C 286 5.28 8.11 21.52
CA ARG C 286 4.40 6.97 21.73
C ARG C 286 5.06 5.70 21.21
N ILE C 287 4.91 4.61 21.98
CA ILE C 287 5.61 3.38 21.67
C ILE C 287 5.05 2.76 20.39
N THR C 288 5.95 2.25 19.54
CA THR C 288 5.53 1.55 18.33
C THR C 288 5.15 0.11 18.67
N ALA C 289 4.68 -0.60 17.64
CA ALA C 289 4.32 -2.00 17.84
C ALA C 289 5.53 -2.85 18.20
N THR C 290 6.66 -2.59 17.56
CA THR C 290 7.89 -3.32 17.88
C THR C 290 8.32 -3.05 19.32
N GLN C 291 8.37 -1.78 19.72
CA GLN C 291 8.77 -1.42 21.08
C GLN C 291 7.79 -1.98 22.09
N ALA C 292 6.49 -1.94 21.79
CA ALA C 292 5.50 -2.52 22.67
C ALA C 292 5.72 -4.02 22.82
N LEU C 293 6.02 -4.71 21.72
CA LEU C 293 6.25 -6.15 21.78
C LEU C 293 7.52 -6.47 22.57
N LYS C 294 8.51 -5.59 22.54
CA LYS C 294 9.75 -5.80 23.28
C LYS C 294 9.62 -5.45 24.76
N MET C 295 8.51 -4.87 25.18
CA MET C 295 8.34 -4.49 26.58
C MET C 295 8.29 -5.72 27.47
N LYS C 296 8.64 -5.51 28.75
CA LYS C 296 8.69 -6.61 29.71
C LYS C 296 7.32 -7.21 29.99
N TYR C 297 6.24 -6.50 29.68
CA TYR C 297 4.90 -7.03 29.95
C TYR C 297 4.65 -8.33 29.22
N PHE C 298 5.09 -8.43 27.97
CA PHE C 298 4.86 -9.63 27.18
C PHE C 298 5.88 -10.74 27.49
N SER C 299 6.98 -10.41 28.17
CA SER C 299 7.96 -11.41 28.55
C SER C 299 7.72 -11.98 29.94
N ASN C 300 7.11 -11.22 30.83
CA ASN C 300 6.92 -11.65 32.20
C ASN C 300 5.85 -12.73 32.30
N ARG C 301 5.87 -13.45 33.41
CA ARG C 301 4.86 -14.47 33.70
C ARG C 301 3.55 -13.81 34.16
N PRO C 302 2.41 -14.43 33.86
CA PRO C 302 2.23 -15.63 33.03
C PRO C 302 2.32 -15.28 31.55
N GLY C 303 2.60 -16.25 30.68
CA GLY C 303 2.66 -16.00 29.27
C GLY C 303 1.28 -15.85 28.68
N PRO C 304 1.20 -15.48 27.39
CA PRO C 304 -0.10 -15.35 26.75
C PRO C 304 -0.83 -16.69 26.69
N THR C 305 -2.14 -16.64 26.88
CA THR C 305 -2.95 -17.85 26.80
C THR C 305 -2.96 -18.38 25.37
N PRO C 306 -2.77 -19.69 25.17
CA PRO C 306 -2.80 -20.24 23.82
C PRO C 306 -4.18 -20.13 23.18
N GLY C 307 -4.19 -20.09 21.85
CA GLY C 307 -5.43 -19.82 21.13
C GLY C 307 -6.55 -20.79 21.45
N CYS C 308 -6.21 -22.09 21.57
CA CYS C 308 -7.23 -23.10 21.84
C CYS C 308 -7.87 -22.95 23.21
N GLN C 309 -7.28 -22.16 24.12
CA GLN C 309 -7.81 -21.97 25.46
C GLN C 309 -8.41 -20.59 25.67
N LEU C 310 -8.40 -19.73 24.66
CA LEU C 310 -9.03 -18.43 24.79
C LEU C 310 -10.53 -18.60 24.99
N PRO C 311 -11.17 -17.72 25.77
CA PRO C 311 -12.59 -17.88 26.05
C PRO C 311 -13.43 -17.65 24.81
N ARG C 312 -14.37 -18.56 24.56
CA ARG C 312 -15.28 -18.46 23.42
C ARG C 312 -16.65 -18.04 23.91
N PRO C 313 -17.15 -16.87 23.49
CA PRO C 313 -18.42 -16.31 23.97
C PRO C 313 -19.64 -17.07 23.44
C10 X1W D . -19.50 -13.95 12.13
C13 X1W D . -20.21 -12.46 15.59
C15 X1W D . -18.09 -11.60 14.85
C17 X1W D . -19.10 -11.39 10.70
C20 X1W D . -20.91 -8.98 11.35
C21 X1W D . -20.51 -9.27 12.85
C24 X1W D . -21.59 -7.52 11.49
C26 X1W D . -21.03 -5.29 10.61
C28 X1W D . -20.01 -4.59 8.28
C01 X1W D . -13.69 -10.09 7.12
C02 X1W D . -15.18 -9.88 7.41
C03 X1W D . -15.99 -9.70 6.11
C04 X1W D . -15.79 -11.08 8.29
C05 X1W D . -15.27 -12.37 8.43
C08 X1W D . -18.20 -12.40 10.47
C11 X1W D . -19.34 -13.13 13.45
C12 X1W D . -20.33 -13.18 14.41
C14 X1W D . -19.09 -11.66 15.81
C16 X1W D . -18.22 -12.33 13.67
C18 X1W D . -18.92 -10.15 10.10
C23 X1W D . -21.98 -7.42 12.98
C27 X1W D . -20.98 -5.31 9.00
C29 X1W D . -19.98 -4.61 6.87
C30 X1W D . -20.93 -5.37 6.15
C31 X1W D . -21.90 -6.10 6.84
C32 X1W D . -21.93 -6.07 8.26
C34 X1W D . -16.97 -11.00 9.07
N06 X1W D . -16.11 -13.07 9.27
N07 X1W D . -17.14 -12.19 9.66
N09 X1W D . -18.39 -13.73 11.14
N19 X1W D . -19.85 -9.05 10.32
N22 X1W D . -20.92 -8.14 13.72
N33 X1W D . -17.88 -9.96 9.30
O25 X1W D . -20.65 -6.53 11.21
#